data_4OUA
#
_entry.id   4OUA
#
_cell.length_a   213.530
_cell.length_b   83.720
_cell.length_c   66.950
_cell.angle_alpha   90.000
_cell.angle_beta   102.530
_cell.angle_gamma   90.000
#
_symmetry.space_group_name_H-M   'C 1 2 1'
#
loop_
_entity.id
_entity.type
_entity.pdbx_description
1 polymer 'proteolytically activated form of PPO4 Tyrosinase'
2 polymer 'latent form of PPO4 Tyrosinase'
3 non-polymer 'COPPER (I) ION'
4 non-polymer 'SODIUM ION'
5 non-polymer 2-AMINO-2-HYDROXYMETHYL-PROPANE-1,3-DIOL
6 non-polymer 6-tungstotellurate(VI)
7 water water
#
loop_
_entity_poly.entity_id
_entity_poly.type
_entity_poly.pdbx_seq_one_letter_code
_entity_poly.pdbx_strand_id
1 'polypeptide(L)'
;(SAC)LLATVGPTGGVKNRLDIVDFVRDEKFFTLYIRALQAIQDKDQSDYSSFFQLSGIHGLPFTPWAKPKDTPTVPYES
GYCTHSQVLFPTWHRVYVSIYEQILQEAAKGIAKKFTVHKKEWAQAAEDLRQPYWDTGFALVPPDEIIKLEQVKITNYDG
TKITVRNPILRYSFHPIDPSFNGYPNFDTWKTTVRNPDADKKENIPALIGKLDLEADSTREKTYNMLKFNANWEAFSNHG
EFDDTHANSLEAVHDDIHGFVGRGAIRGHMTHALFAAFDPIFWLHHSNVDRHLSLWQALYPGVWVTQGPEREGSMGFAPG
TELNKDSALEPFYETEDKPWTSVPLTDTALLNYSYPDFDKVKGGTPDLVRDYINDHIDRRYGIKKS
;
A
2 'polypeptide(L)'
;(SAC)LLATVGPTGGVKNRLDIVDFVRDEKFFTLYIRALQAIQDKDQSDYSSFFQLSGIHGLPFTPWAKPKDTPTVPYES
GYCTHSQVLFPTWHRVYVSIYEQILQEAAKGIAKKFTVHKKEWAQAAEDLRQPYWDTGFALVPPDEIIKLEQVKITNYDG
TKITVRNPILRYSFHPIDPSFNGYPNFDTWKTTVRNPDADKKENIPALIGKLDLEADSTREKTYNMLKFNANWEAFSNHG
EFDDTHANSLEAVHDDIHGFVGRGAIRGHMTHALFAAFDPIFWLHHSNVDRHLSLWQALYPGVWVTQGPEREGSMGFAPG
TELNKDSALEPFYETEDKPWTSVPLTDTALLNYSYPDFDKVKGGTPDLVRDYINDHIDRRYGIKKSEGGKNPAQDLLSDF
KGVTHDHNEDLKMFDWTIQASWKKFELDDSFAIIFYFAADGSTNVTKENYIGSINIFRGTTPTNCANCRTQDNLVQEGFV
HLDRFIARDLDTFDPQAVHRYLKEKKLSYKVVADDHSVTLKSLRIRVQGRPLHLPPGVSFPRLDKNIPIVNFDDVLDLVT
G
;
B
#
# COMPACT_ATOMS: atom_id res chain seq x y z
N LEU A 2 17.54 -21.60 -25.11
CA LEU A 2 17.41 -20.21 -25.54
C LEU A 2 18.19 -19.29 -24.60
N LEU A 3 18.39 -19.77 -23.36
CA LEU A 3 19.10 -19.02 -22.34
C LEU A 3 20.00 -19.97 -21.55
N ALA A 4 21.20 -20.20 -22.06
CA ALA A 4 22.13 -21.12 -21.40
C ALA A 4 22.53 -20.62 -20.02
N THR A 5 22.71 -21.56 -19.08
CA THR A 5 23.12 -21.22 -17.73
C THR A 5 24.64 -21.15 -17.61
N VAL A 6 25.18 -19.96 -17.81
CA VAL A 6 26.63 -19.77 -17.81
C VAL A 6 27.13 -19.17 -16.50
N GLY A 7 26.19 -18.73 -15.66
CA GLY A 7 26.53 -18.14 -14.38
C GLY A 7 26.80 -16.65 -14.49
N PRO A 8 27.05 -16.00 -13.35
CA PRO A 8 27.29 -14.55 -13.30
C PRO A 8 28.60 -14.15 -13.96
N THR A 9 28.91 -12.85 -13.93
CA THR A 9 30.13 -12.35 -14.54
C THR A 9 30.94 -11.55 -13.54
N GLY A 10 32.20 -11.26 -13.89
CA GLY A 10 33.05 -10.45 -13.05
C GLY A 10 34.01 -11.26 -12.18
N GLY A 11 34.41 -12.42 -12.68
CA GLY A 11 35.33 -13.28 -11.95
C GLY A 11 34.65 -14.07 -10.85
N VAL A 12 35.46 -14.73 -10.02
CA VAL A 12 34.93 -15.54 -8.93
C VAL A 12 34.75 -14.71 -7.65
N LYS A 13 33.50 -14.39 -7.34
CA LYS A 13 33.18 -13.65 -6.13
C LYS A 13 32.44 -14.52 -5.13
N ASN A 14 32.42 -14.10 -3.87
CA ASN A 14 31.80 -14.89 -2.81
C ASN A 14 30.32 -14.59 -2.62
N ARG A 15 29.56 -15.64 -2.33
CA ARG A 15 28.20 -15.48 -1.86
C ARG A 15 28.24 -15.21 -0.37
N LEU A 16 27.86 -14.00 0.02
CA LEU A 16 27.99 -13.58 1.41
C LEU A 16 26.90 -14.16 2.31
N ASP A 17 27.21 -14.24 3.61
CA ASP A 17 26.21 -14.58 4.61
C ASP A 17 25.19 -13.45 4.67
N ILE A 18 23.90 -13.78 4.62
CA ILE A 18 22.84 -12.79 4.58
C ILE A 18 22.93 -11.80 5.75
N VAL A 19 23.49 -12.25 6.86
CA VAL A 19 23.68 -11.38 8.02
C VAL A 19 24.67 -10.27 7.70
N ASP A 20 25.67 -10.60 6.90
CA ASP A 20 26.65 -9.62 6.45
C ASP A 20 26.14 -8.87 5.23
N PHE A 21 25.44 -9.60 4.36
CA PHE A 21 24.96 -9.06 3.10
C PHE A 21 24.03 -7.87 3.27
N VAL A 22 23.16 -7.94 4.27
CA VAL A 22 22.18 -6.89 4.52
C VAL A 22 22.86 -5.61 5.03
N ARG A 23 24.03 -5.76 5.64
CA ARG A 23 24.77 -4.61 6.14
C ARG A 23 25.52 -3.88 5.01
N ASP A 24 25.54 -4.49 3.83
CA ASP A 24 26.24 -3.91 2.68
C ASP A 24 25.28 -3.04 1.86
N GLU A 25 25.54 -1.74 1.85
CA GLU A 25 24.66 -0.79 1.18
C GLU A 25 24.49 -1.08 -0.31
N LYS A 26 25.60 -1.20 -1.03
CA LYS A 26 25.56 -1.45 -2.46
C LYS A 26 24.86 -2.77 -2.79
N PHE A 27 25.34 -3.85 -2.19
CA PHE A 27 24.79 -5.18 -2.44
C PHE A 27 23.31 -5.29 -2.10
N PHE A 28 22.93 -4.74 -0.95
CA PHE A 28 21.55 -4.83 -0.49
C PHE A 28 20.62 -4.01 -1.37
N THR A 29 21.04 -2.81 -1.73
CA THR A 29 20.27 -1.94 -2.62
C THR A 29 20.07 -2.59 -3.98
N LEU A 30 21.15 -3.15 -4.53
CA LEU A 30 21.09 -3.78 -5.85
C LEU A 30 20.21 -5.01 -5.83
N TYR A 31 20.21 -5.71 -4.71
CA TYR A 31 19.42 -6.94 -4.57
C TYR A 31 17.93 -6.62 -4.48
N ILE A 32 17.59 -5.59 -3.70
CA ILE A 32 16.20 -5.17 -3.54
C ILE A 32 15.64 -4.61 -4.84
N ARG A 33 16.47 -3.90 -5.59
CA ARG A 33 16.05 -3.34 -6.87
C ARG A 33 15.90 -4.43 -7.92
N ALA A 34 16.91 -5.28 -8.04
CA ALA A 34 16.93 -6.32 -9.07
C ALA A 34 15.87 -7.38 -8.82
N LEU A 35 15.64 -7.70 -7.56
CA LEU A 35 14.64 -8.69 -7.19
C LEU A 35 13.23 -8.19 -7.49
N GLN A 36 13.00 -6.91 -7.21
CA GLN A 36 11.72 -6.29 -7.54
C GLN A 36 11.56 -6.21 -9.06
N ALA A 37 12.68 -6.00 -9.75
CA ALA A 37 12.68 -5.86 -11.20
C ALA A 37 12.25 -7.14 -11.90
N ILE A 38 12.76 -8.27 -11.44
CA ILE A 38 12.45 -9.56 -12.06
C ILE A 38 11.09 -10.08 -11.59
N GLN A 39 10.62 -9.60 -10.44
CA GLN A 39 9.30 -9.96 -9.96
C GLN A 39 8.22 -9.21 -10.73
N ASP A 40 8.59 -8.03 -11.24
CA ASP A 40 7.64 -7.19 -11.95
C ASP A 40 7.65 -7.48 -13.46
N LYS A 41 8.57 -8.33 -13.90
CA LYS A 41 8.63 -8.73 -15.30
C LYS A 41 7.42 -9.58 -15.68
N ASP A 42 7.10 -9.59 -16.97
CA ASP A 42 6.01 -10.42 -17.48
C ASP A 42 6.29 -11.89 -17.22
N GLN A 43 5.29 -12.60 -16.72
CA GLN A 43 5.47 -13.99 -16.31
C GLN A 43 5.77 -14.92 -17.49
N SER A 44 5.59 -14.44 -18.71
CA SER A 44 5.92 -15.21 -19.89
C SER A 44 7.36 -14.94 -20.32
N ASP A 45 8.01 -14.02 -19.62
CA ASP A 45 9.42 -13.72 -19.84
C ASP A 45 10.27 -14.77 -19.12
N TYR A 46 11.09 -15.50 -19.88
CA TYR A 46 11.91 -16.56 -19.33
C TYR A 46 12.87 -16.07 -18.26
N SER A 47 13.34 -14.83 -18.39
CA SER A 47 14.25 -14.26 -17.41
C SER A 47 13.51 -13.53 -16.29
N SER A 48 12.25 -13.91 -16.08
CA SER A 48 11.47 -13.30 -15.01
C SER A 48 11.46 -14.20 -13.77
N PHE A 49 11.16 -13.61 -12.63
CA PHE A 49 11.10 -14.33 -11.37
C PHE A 49 10.15 -15.52 -11.44
N PHE A 50 9.05 -15.36 -12.17
CA PHE A 50 8.03 -16.39 -12.25
C PHE A 50 8.52 -17.62 -13.00
N GLN A 51 9.11 -17.41 -14.18
CA GLN A 51 9.60 -18.52 -15.00
C GLN A 51 10.81 -19.19 -14.35
N LEU A 52 11.61 -18.39 -13.65
CA LEU A 52 12.79 -18.92 -12.97
C LEU A 52 12.39 -19.83 -11.82
N SER A 53 11.43 -19.38 -11.00
CA SER A 53 10.92 -20.19 -9.91
C SER A 53 10.02 -21.28 -10.45
N GLY A 54 9.40 -21.03 -11.59
CA GLY A 54 8.52 -21.98 -12.23
C GLY A 54 9.25 -23.24 -12.67
N ILE A 55 10.56 -23.13 -12.83
CA ILE A 55 11.37 -24.28 -13.23
C ILE A 55 11.28 -25.40 -12.20
N HIS A 56 11.33 -25.03 -10.93
CA HIS A 56 11.31 -25.99 -9.82
C HIS A 56 10.08 -26.90 -9.89
N GLY A 57 8.90 -26.30 -9.78
CA GLY A 57 7.65 -27.06 -9.81
C GLY A 57 6.71 -26.58 -10.90
N LEU A 58 5.52 -26.15 -10.49
CA LEU A 58 4.56 -25.59 -11.44
C LEU A 58 5.03 -24.25 -11.97
N PRO A 59 4.64 -23.92 -13.21
CA PRO A 59 3.83 -24.79 -14.06
C PRO A 59 4.66 -25.91 -14.69
N PHE A 60 4.00 -26.93 -15.19
CA PHE A 60 4.71 -28.04 -15.83
C PHE A 60 4.98 -27.74 -17.30
N THR A 61 5.86 -26.77 -17.55
CA THR A 61 6.19 -26.36 -18.91
C THR A 61 7.70 -26.25 -19.10
N PRO A 62 8.18 -26.50 -20.32
CA PRO A 62 9.60 -26.38 -20.68
C PRO A 62 10.12 -24.96 -20.48
N TRP A 63 11.37 -24.82 -20.06
CA TRP A 63 11.94 -23.50 -19.81
C TRP A 63 13.07 -23.17 -20.79
N ALA A 64 12.89 -22.11 -21.55
CA ALA A 64 13.88 -21.63 -22.50
C ALA A 64 14.27 -22.72 -23.49
N LYS A 65 13.28 -23.44 -24.00
CA LYS A 65 13.52 -24.51 -24.96
C LYS A 65 13.23 -24.03 -26.38
N PRO A 66 14.09 -24.43 -27.34
CA PRO A 66 13.95 -24.12 -28.76
C PRO A 66 12.60 -24.53 -29.32
N LYS A 67 12.24 -23.99 -30.48
CA LYS A 67 10.92 -24.20 -31.07
C LYS A 67 10.61 -25.68 -31.31
N ASP A 68 11.53 -26.38 -31.99
CA ASP A 68 11.28 -27.76 -32.39
C ASP A 68 11.99 -28.77 -31.50
N THR A 69 11.99 -28.52 -30.19
CA THR A 69 12.57 -29.45 -29.25
C THR A 69 11.62 -30.61 -28.97
N PRO A 70 12.17 -31.81 -28.78
CA PRO A 70 11.36 -33.01 -28.53
C PRO A 70 10.56 -32.88 -27.22
N THR A 71 9.39 -33.51 -27.18
CA THR A 71 8.53 -33.46 -26.00
C THR A 71 9.26 -34.01 -24.78
N VAL A 72 9.11 -33.33 -23.64
CA VAL A 72 9.73 -33.75 -22.40
C VAL A 72 9.22 -35.12 -21.97
N PRO A 73 10.12 -35.96 -21.44
CA PRO A 73 9.83 -37.36 -21.08
C PRO A 73 8.85 -37.51 -19.93
N TYR A 74 8.42 -36.41 -19.32
CA TYR A 74 7.55 -36.48 -18.16
C TYR A 74 7.00 -35.11 -17.79
N GLU A 75 5.67 -35.02 -17.67
CA GLU A 75 5.02 -33.77 -17.31
C GLU A 75 5.03 -33.56 -15.80
N SER A 76 5.94 -32.71 -15.33
CA SER A 76 6.09 -32.42 -13.92
C SER A 76 7.11 -31.31 -13.73
N GLY A 77 7.54 -31.11 -12.48
CA GLY A 77 8.55 -30.10 -12.20
C GLY A 77 9.90 -30.50 -12.77
N TYR A 78 10.86 -29.58 -12.71
CA TYR A 78 12.22 -29.88 -13.17
C TYR A 78 13.09 -30.40 -12.03
N CYS A 79 12.83 -29.91 -10.82
CA CYS A 79 13.68 -30.20 -9.67
C CYS A 79 13.80 -31.68 -9.40
N THR A 80 15.01 -32.11 -9.08
CA THR A 80 15.29 -33.51 -8.80
C THR A 80 15.30 -33.76 -7.29
N HIS A 81 14.37 -34.60 -6.85
CA HIS A 81 14.23 -34.87 -5.42
C HIS A 81 14.17 -36.37 -5.16
N SER A 82 14.75 -36.80 -4.04
CA SER A 82 14.79 -38.22 -3.67
C SER A 82 15.67 -39.02 -4.63
N GLN A 83 16.58 -38.34 -5.31
CA GLN A 83 17.47 -39.00 -6.27
C GLN A 83 18.89 -38.45 -6.17
N VAL A 84 19.83 -39.17 -6.78
CA VAL A 84 21.26 -38.86 -6.67
C VAL A 84 21.63 -37.50 -7.24
N LEU A 85 20.76 -36.93 -8.06
CA LEU A 85 21.08 -35.69 -8.76
C LEU A 85 20.65 -34.44 -7.99
N PHE A 86 20.07 -34.64 -6.81
CA PHE A 86 19.53 -33.52 -6.03
C PHE A 86 20.53 -32.39 -5.82
N PRO A 87 21.72 -32.72 -5.28
CA PRO A 87 22.72 -31.69 -5.01
C PRO A 87 23.17 -30.94 -6.26
N THR A 88 23.48 -31.66 -7.33
CA THR A 88 24.04 -31.04 -8.53
C THR A 88 23.00 -30.23 -9.31
N TRP A 89 21.78 -30.74 -9.38
CA TRP A 89 20.72 -30.06 -10.12
C TRP A 89 20.40 -28.70 -9.51
N HIS A 90 20.45 -28.63 -8.19
CA HIS A 90 20.11 -27.41 -7.48
C HIS A 90 21.28 -26.42 -7.49
N ARG A 91 22.49 -26.95 -7.60
CA ARG A 91 23.68 -26.10 -7.69
C ARG A 91 23.61 -25.21 -8.91
N VAL A 92 23.25 -25.80 -10.05
CA VAL A 92 23.15 -25.07 -11.30
C VAL A 92 21.81 -24.32 -11.38
N TYR A 93 20.87 -24.71 -10.53
CA TYR A 93 19.58 -24.02 -10.45
C TYR A 93 19.76 -22.63 -9.87
N VAL A 94 20.52 -22.53 -8.79
CA VAL A 94 20.83 -21.24 -8.18
C VAL A 94 21.70 -20.41 -9.12
N SER A 95 22.46 -21.10 -9.96
CA SER A 95 23.37 -20.42 -10.88
C SER A 95 22.65 -19.61 -11.94
N ILE A 96 21.57 -20.18 -12.49
CA ILE A 96 20.79 -19.47 -13.50
C ILE A 96 20.06 -18.31 -12.86
N TYR A 97 19.58 -18.52 -11.63
CA TYR A 97 18.91 -17.47 -10.87
C TYR A 97 19.86 -16.33 -10.56
N GLU A 98 21.01 -16.67 -9.99
CA GLU A 98 22.05 -15.70 -9.68
C GLU A 98 22.49 -14.96 -10.94
N GLN A 99 22.57 -15.69 -12.05
CA GLN A 99 22.92 -15.11 -13.33
C GLN A 99 21.90 -14.06 -13.77
N ILE A 100 20.65 -14.49 -13.90
CA ILE A 100 19.57 -13.61 -14.31
C ILE A 100 19.40 -12.45 -13.33
N LEU A 101 19.57 -12.73 -12.04
CA LEU A 101 19.39 -11.72 -11.01
C LEU A 101 20.47 -10.64 -11.10
N GLN A 102 21.68 -11.03 -11.50
CA GLN A 102 22.76 -10.07 -11.69
C GLN A 102 22.49 -9.19 -12.91
N GLU A 103 22.01 -9.82 -13.98
CA GLU A 103 21.73 -9.12 -15.23
C GLU A 103 20.79 -7.96 -15.00
N ALA A 104 19.80 -8.17 -14.13
CA ALA A 104 18.87 -7.12 -13.75
C ALA A 104 19.58 -6.06 -12.93
N ALA A 105 20.55 -6.50 -12.11
CA ALA A 105 21.28 -5.61 -11.23
C ALA A 105 22.23 -4.71 -12.02
N LYS A 106 22.62 -5.14 -13.21
CA LYS A 106 23.46 -4.34 -14.08
C LYS A 106 22.70 -3.14 -14.61
N GLY A 107 21.47 -3.40 -15.08
CA GLY A 107 20.60 -2.33 -15.56
C GLY A 107 20.24 -1.38 -14.44
N ILE A 108 20.18 -1.91 -13.22
CA ILE A 108 19.90 -1.10 -12.05
C ILE A 108 21.05 -0.15 -11.77
N ALA A 109 22.28 -0.67 -11.90
CA ALA A 109 23.48 0.10 -11.59
C ALA A 109 23.71 1.25 -12.58
N LYS A 110 22.95 1.24 -13.67
CA LYS A 110 23.06 2.29 -14.68
C LYS A 110 22.09 3.44 -14.39
N LYS A 111 21.12 3.19 -13.52
CA LYS A 111 20.13 4.19 -13.17
C LYS A 111 20.66 5.15 -12.10
N PHE A 112 21.74 4.74 -11.44
CA PHE A 112 22.36 5.60 -10.44
C PHE A 112 23.01 6.81 -11.09
N THR A 113 22.82 7.97 -10.49
CA THR A 113 23.34 9.22 -11.05
C THR A 113 24.75 9.51 -10.53
N VAL A 114 25.09 8.93 -9.39
CA VAL A 114 26.40 9.12 -8.80
C VAL A 114 27.06 7.79 -8.46
N HIS A 115 28.39 7.77 -8.52
CA HIS A 115 29.15 6.57 -8.21
C HIS A 115 28.80 5.44 -9.19
N LYS A 116 28.61 5.81 -10.44
CA LYS A 116 28.16 4.87 -11.47
C LYS A 116 29.09 3.68 -11.62
N LYS A 117 30.38 3.91 -11.45
CA LYS A 117 31.36 2.82 -11.52
C LYS A 117 31.22 1.87 -10.33
N GLU A 118 31.18 2.42 -9.13
CA GLU A 118 31.11 1.60 -7.92
C GLU A 118 29.81 0.79 -7.87
N TRP A 119 28.73 1.36 -8.42
CA TRP A 119 27.48 0.62 -8.53
C TRP A 119 27.60 -0.43 -9.63
N ALA A 120 28.38 -0.11 -10.66
CA ALA A 120 28.62 -1.05 -11.75
C ALA A 120 29.50 -2.20 -11.27
N GLN A 121 30.47 -1.89 -10.42
CA GLN A 121 31.36 -2.91 -9.88
C GLN A 121 30.65 -3.78 -8.85
N ALA A 122 29.77 -3.16 -8.07
CA ALA A 122 29.00 -3.88 -7.06
C ALA A 122 28.10 -4.92 -7.71
N ALA A 123 27.51 -4.55 -8.85
CA ALA A 123 26.67 -5.47 -9.60
C ALA A 123 27.50 -6.62 -10.14
N GLU A 124 28.73 -6.31 -10.52
CA GLU A 124 29.67 -7.32 -11.03
C GLU A 124 30.05 -8.32 -9.93
N ASP A 125 30.12 -7.83 -8.69
CA ASP A 125 30.48 -8.68 -7.56
C ASP A 125 29.27 -9.32 -6.92
N LEU A 126 28.08 -8.89 -7.34
CA LEU A 126 26.84 -9.36 -6.73
C LEU A 126 26.63 -10.85 -6.92
N ARG A 127 26.38 -11.55 -5.81
CA ARG A 127 26.11 -12.98 -5.82
C ARG A 127 24.97 -13.30 -4.87
N GLN A 128 24.36 -14.47 -5.03
CA GLN A 128 23.25 -14.87 -4.18
C GLN A 128 23.70 -15.19 -2.76
N PRO A 129 23.28 -14.37 -1.78
CA PRO A 129 23.62 -14.60 -0.37
C PRO A 129 22.99 -15.89 0.16
N TYR A 130 23.58 -16.45 1.20
CA TYR A 130 23.07 -17.71 1.76
C TYR A 130 22.55 -17.52 3.18
N TRP A 131 21.56 -18.34 3.52
CA TRP A 131 20.92 -18.30 4.83
C TRP A 131 21.49 -19.41 5.72
N ASP A 132 22.45 -19.05 6.56
CA ASP A 132 23.11 -20.03 7.42
C ASP A 132 22.17 -20.56 8.50
N THR A 133 21.28 -21.47 8.10
CA THR A 133 20.25 -21.99 8.99
C THR A 133 20.82 -22.81 10.15
N GLY A 134 22.00 -23.39 9.92
CA GLY A 134 22.63 -24.24 10.92
C GLY A 134 23.28 -23.47 12.05
N PHE A 135 23.58 -22.19 11.82
CA PHE A 135 24.22 -21.36 12.82
C PHE A 135 23.29 -20.25 13.30
N ALA A 136 22.44 -19.77 12.41
CA ALA A 136 21.49 -18.72 12.76
C ALA A 136 20.15 -18.95 12.06
N LEU A 137 19.33 -19.82 12.64
CA LEU A 137 18.07 -20.20 12.04
C LEU A 137 17.14 -19.00 11.88
N VAL A 138 17.08 -18.17 12.91
CA VAL A 138 16.28 -16.94 12.85
C VAL A 138 17.01 -15.90 12.01
N PRO A 139 16.50 -15.64 10.79
CA PRO A 139 17.15 -14.73 9.86
C PRO A 139 17.00 -13.27 10.27
N PRO A 140 17.69 -12.36 9.59
CA PRO A 140 17.59 -10.91 9.84
C PRO A 140 16.19 -10.38 9.57
N ASP A 141 15.85 -9.24 10.14
CA ASP A 141 14.51 -8.67 10.00
C ASP A 141 14.22 -8.32 8.55
N GLU A 142 15.26 -7.98 7.79
CA GLU A 142 15.10 -7.61 6.39
C GLU A 142 14.55 -8.77 5.57
N ILE A 143 14.72 -9.99 6.07
CA ILE A 143 14.36 -11.18 5.33
C ILE A 143 12.99 -11.73 5.73
N ILE A 144 12.58 -11.47 6.98
CA ILE A 144 11.43 -12.15 7.54
C ILE A 144 10.36 -11.23 8.11
N LYS A 145 10.73 -10.01 8.48
CA LYS A 145 9.82 -9.14 9.23
C LYS A 145 9.58 -7.76 8.61
N LEU A 146 10.65 -7.10 8.17
CA LEU A 146 10.55 -5.72 7.69
C LEU A 146 9.76 -5.58 6.39
N GLU A 147 8.56 -5.01 6.50
CA GLU A 147 7.73 -4.72 5.33
C GLU A 147 8.40 -3.71 4.41
N GLN A 148 9.07 -2.73 5.02
CA GLN A 148 9.83 -1.73 4.29
C GLN A 148 11.31 -1.85 4.65
N VAL A 149 12.18 -1.61 3.68
CA VAL A 149 13.62 -1.73 3.91
C VAL A 149 14.38 -0.51 3.40
N LYS A 150 15.45 -0.16 4.09
CA LYS A 150 16.27 0.99 3.72
C LYS A 150 17.28 0.65 2.64
N ILE A 151 17.24 1.40 1.53
CA ILE A 151 18.24 1.26 0.49
C ILE A 151 18.75 2.64 0.08
N THR A 152 19.73 2.66 -0.82
CA THR A 152 20.24 3.91 -1.33
C THR A 152 19.56 4.25 -2.66
N ASN A 153 19.03 5.46 -2.76
CA ASN A 153 18.34 5.88 -3.96
C ASN A 153 19.32 6.19 -5.09
N TYR A 154 18.79 6.35 -6.30
CA TYR A 154 19.63 6.53 -7.49
C TYR A 154 20.40 7.85 -7.47
N ASP A 155 20.09 8.71 -6.51
CA ASP A 155 20.79 9.97 -6.37
C ASP A 155 21.76 9.94 -5.20
N GLY A 156 21.68 8.88 -4.38
CA GLY A 156 22.58 8.71 -3.26
C GLY A 156 21.88 8.82 -1.91
N THR A 157 20.71 9.41 -1.91
CA THR A 157 19.93 9.57 -0.68
C THR A 157 19.35 8.23 -0.24
N LYS A 158 19.14 8.08 1.07
CA LYS A 158 18.60 6.85 1.62
C LYS A 158 17.08 6.87 1.63
N ILE A 159 16.47 5.87 1.01
CA ILE A 159 15.02 5.76 0.97
C ILE A 159 14.56 4.42 1.51
N THR A 160 13.24 4.29 1.68
CA THR A 160 12.66 3.02 2.13
C THR A 160 11.59 2.55 1.16
N VAL A 161 11.84 1.40 0.53
CA VAL A 161 10.89 0.83 -0.41
C VAL A 161 10.36 -0.50 0.13
N ARG A 162 9.26 -0.98 -0.45
CA ARG A 162 8.66 -2.22 0.02
C ARG A 162 9.61 -3.41 -0.21
N ASN A 163 9.58 -4.35 0.73
CA ASN A 163 10.49 -5.49 0.71
C ASN A 163 10.02 -6.61 -0.21
N PRO A 164 10.77 -6.85 -1.30
CA PRO A 164 10.44 -7.91 -2.25
C PRO A 164 10.90 -9.29 -1.77
N ILE A 165 11.63 -9.31 -0.66
CA ILE A 165 12.17 -10.56 -0.12
C ILE A 165 11.12 -11.34 0.66
N LEU A 166 10.14 -10.63 1.23
CA LEU A 166 9.11 -11.27 2.04
C LEU A 166 8.23 -12.22 1.23
N ARG A 167 7.78 -11.75 0.06
CA ARG A 167 6.82 -12.52 -0.72
C ARG A 167 6.82 -12.12 -2.19
N TYR A 168 6.40 -13.04 -3.05
CA TYR A 168 6.19 -12.72 -4.46
C TYR A 168 4.71 -12.55 -4.75
N SER A 169 4.37 -11.54 -5.53
CA SER A 169 2.99 -11.31 -5.92
C SER A 169 2.72 -11.83 -7.32
N PHE A 170 1.86 -12.84 -7.43
CA PHE A 170 1.52 -13.41 -8.72
C PHE A 170 0.73 -12.40 -9.56
N HIS A 171 1.05 -12.35 -10.85
CA HIS A 171 0.35 -11.45 -11.77
C HIS A 171 0.35 -12.03 -13.18
N PRO A 172 -0.64 -12.88 -13.49
CA PRO A 172 -1.67 -13.28 -12.53
C PRO A 172 -1.34 -14.60 -11.84
N ILE A 173 -2.29 -15.12 -11.07
CA ILE A 173 -2.16 -16.48 -10.56
C ILE A 173 -2.30 -17.44 -11.73
N ASP A 174 -1.20 -18.09 -12.08
CA ASP A 174 -1.15 -18.94 -13.27
C ASP A 174 -2.27 -19.97 -13.30
N PRO A 175 -2.81 -20.23 -14.49
CA PRO A 175 -3.91 -21.17 -14.71
C PRO A 175 -3.57 -22.60 -14.27
N SER A 176 -2.30 -22.87 -13.99
CA SER A 176 -1.88 -24.20 -13.60
C SER A 176 -2.02 -24.41 -12.09
N PHE A 177 -2.55 -23.40 -11.40
CA PHE A 177 -2.76 -23.48 -9.95
C PHE A 177 -4.21 -23.84 -9.61
N ASN A 178 -5.04 -23.97 -10.64
CA ASN A 178 -6.48 -24.11 -10.46
C ASN A 178 -6.91 -25.26 -9.55
N GLY A 179 -6.37 -26.45 -9.81
CA GLY A 179 -6.79 -27.64 -9.08
C GLY A 179 -6.49 -27.63 -7.59
N TYR A 180 -5.50 -26.85 -7.18
CA TYR A 180 -5.04 -26.84 -5.80
C TYR A 180 -5.78 -25.79 -4.96
N PRO A 181 -6.53 -26.26 -3.95
CA PRO A 181 -7.53 -25.54 -3.16
C PRO A 181 -7.06 -24.21 -2.58
N ASN A 182 -5.86 -24.18 -1.99
CA ASN A 182 -5.41 -22.98 -1.29
C ASN A 182 -4.52 -22.05 -2.12
N PHE A 183 -3.83 -22.60 -3.11
CA PHE A 183 -2.84 -21.81 -3.84
C PHE A 183 -3.43 -21.09 -5.05
N ASP A 184 -4.67 -21.41 -5.39
CA ASP A 184 -5.32 -20.77 -6.54
C ASP A 184 -5.90 -19.40 -6.18
N THR A 185 -6.27 -19.23 -4.92
CA THR A 185 -6.84 -17.97 -4.47
C THR A 185 -5.82 -17.10 -3.73
N TRP A 186 -4.69 -17.70 -3.35
CA TRP A 186 -3.63 -16.97 -2.67
C TRP A 186 -2.95 -16.00 -3.64
N LYS A 187 -3.20 -14.71 -3.44
CA LYS A 187 -2.69 -13.68 -4.33
C LYS A 187 -1.16 -13.59 -4.28
N THR A 188 -0.60 -13.71 -3.08
CA THR A 188 0.84 -13.70 -2.92
C THR A 188 1.30 -14.98 -2.23
N THR A 189 2.60 -15.24 -2.27
CA THR A 189 3.17 -16.35 -1.52
C THR A 189 3.02 -16.12 -0.01
N VAL A 190 2.84 -17.21 0.73
CA VAL A 190 2.56 -17.08 2.17
C VAL A 190 3.45 -17.99 3.01
N ARG A 191 3.92 -17.45 4.14
CA ARG A 191 4.77 -18.19 5.06
C ARG A 191 4.04 -18.51 6.37
N ASN A 192 4.03 -19.79 6.74
CA ASN A 192 3.46 -20.21 8.02
C ASN A 192 2.01 -19.75 8.20
N PRO A 193 1.12 -20.15 7.28
CA PRO A 193 -0.28 -19.70 7.28
C PRO A 193 -1.11 -20.29 8.42
N ASP A 194 -2.12 -19.55 8.85
CA ASP A 194 -3.04 -20.01 9.89
C ASP A 194 -4.19 -20.80 9.29
N ALA A 195 -5.19 -21.09 10.11
CA ALA A 195 -6.38 -21.82 9.65
C ALA A 195 -7.27 -20.93 8.80
N ASP A 196 -7.14 -19.62 8.98
CA ASP A 196 -7.92 -18.66 8.18
C ASP A 196 -7.12 -18.21 6.96
N LYS A 197 -6.03 -18.92 6.69
CA LYS A 197 -5.20 -18.68 5.51
C LYS A 197 -4.40 -17.38 5.57
N LYS A 198 -4.40 -16.74 6.74
CA LYS A 198 -3.59 -15.54 6.94
C LYS A 198 -2.16 -15.89 7.34
N GLU A 199 -1.21 -15.08 6.86
CA GLU A 199 0.19 -15.27 7.21
C GLU A 199 0.44 -15.02 8.69
N ASN A 200 1.33 -15.80 9.29
CA ASN A 200 1.68 -15.64 10.69
C ASN A 200 3.19 -15.60 10.91
N ILE A 201 3.78 -14.44 10.73
CA ILE A 201 5.22 -14.27 10.89
C ILE A 201 5.68 -14.41 12.36
N PRO A 202 4.94 -13.81 13.30
CA PRO A 202 5.29 -13.93 14.72
C PRO A 202 5.45 -15.38 15.18
N ALA A 203 4.50 -16.22 14.78
CA ALA A 203 4.55 -17.64 15.13
C ALA A 203 5.74 -18.31 14.45
N LEU A 204 6.08 -17.85 13.25
CA LEU A 204 7.22 -18.38 12.52
C LEU A 204 8.52 -18.11 13.24
N ILE A 205 8.70 -16.87 13.71
CA ILE A 205 9.88 -16.48 14.46
C ILE A 205 10.01 -17.35 15.71
N GLY A 206 8.88 -17.68 16.32
CA GLY A 206 8.86 -18.52 17.50
C GLY A 206 9.26 -19.95 17.18
N LYS A 207 8.77 -20.45 16.05
CA LYS A 207 9.06 -21.81 15.61
C LYS A 207 10.56 -21.99 15.33
N LEU A 208 11.13 -21.04 14.61
CA LEU A 208 12.54 -21.08 14.26
C LEU A 208 13.43 -21.04 15.50
N ASP A 209 13.08 -20.18 16.45
CA ASP A 209 13.85 -20.01 17.67
C ASP A 209 13.95 -21.33 18.44
N LEU A 210 12.86 -22.09 18.46
CA LEU A 210 12.81 -23.37 19.16
C LEU A 210 13.53 -24.48 18.41
N GLU A 211 13.43 -24.45 17.09
CA GLU A 211 14.02 -25.49 16.25
C GLU A 211 15.51 -25.23 15.98
N ALA A 212 16.00 -24.09 16.46
CA ALA A 212 17.38 -23.68 16.22
C ALA A 212 18.40 -24.71 16.67
N ASP A 213 18.34 -25.11 17.93
CA ASP A 213 19.29 -26.05 18.51
C ASP A 213 19.34 -27.37 17.75
N SER A 214 18.18 -27.94 17.46
CA SER A 214 18.12 -29.22 16.77
C SER A 214 18.62 -29.10 15.33
N THR A 215 18.40 -27.95 14.72
CA THR A 215 18.82 -27.71 13.35
C THR A 215 20.34 -27.71 13.22
N ARG A 216 21.02 -27.11 14.20
CA ARG A 216 22.47 -27.07 14.20
C ARG A 216 23.06 -28.48 14.31
N GLU A 217 22.44 -29.30 15.16
CA GLU A 217 22.89 -30.67 15.35
C GLU A 217 22.66 -31.52 14.11
N LYS A 218 21.51 -31.33 13.47
CA LYS A 218 21.22 -32.04 12.23
C LYS A 218 22.22 -31.68 11.14
N THR A 219 22.54 -30.39 11.05
CA THR A 219 23.47 -29.91 10.03
C THR A 219 24.88 -30.42 10.27
N TYR A 220 25.28 -30.45 11.54
CA TYR A 220 26.59 -30.94 11.93
C TYR A 220 26.81 -32.37 11.47
N ASN A 221 25.89 -33.26 11.85
CA ASN A 221 26.00 -34.68 11.50
C ASN A 221 25.93 -34.93 10.00
N MET A 222 25.24 -34.04 9.29
CA MET A 222 25.11 -34.16 7.84
C MET A 222 26.44 -33.88 7.16
N LEU A 223 27.10 -32.81 7.58
CA LEU A 223 28.34 -32.36 6.97
C LEU A 223 29.51 -33.30 7.26
N LYS A 224 29.63 -33.74 8.52
CA LYS A 224 30.79 -34.51 8.95
C LYS A 224 30.70 -35.99 8.58
N PHE A 225 29.52 -36.57 8.67
CA PHE A 225 29.38 -38.03 8.55
C PHE A 225 28.59 -38.45 7.32
N ASN A 226 29.28 -38.51 6.18
CA ASN A 226 28.70 -38.96 4.92
C ASN A 226 29.78 -39.39 3.94
N ALA A 227 30.15 -40.67 3.98
CA ALA A 227 31.23 -41.18 3.14
C ALA A 227 30.73 -41.50 1.73
N ASN A 228 29.59 -42.17 1.63
CA ASN A 228 29.02 -42.54 0.34
C ASN A 228 28.04 -41.48 -0.16
N TRP A 229 27.92 -41.38 -1.48
CA TRP A 229 27.12 -40.35 -2.11
C TRP A 229 25.61 -40.61 -1.99
N GLU A 230 25.23 -41.87 -1.97
CA GLU A 230 23.81 -42.24 -1.92
C GLU A 230 23.15 -41.75 -0.64
N ALA A 231 23.82 -41.93 0.49
CA ALA A 231 23.27 -41.54 1.77
C ALA A 231 23.35 -40.02 1.98
N PHE A 232 24.13 -39.36 1.15
CA PHE A 232 24.34 -37.92 1.27
C PHE A 232 23.49 -37.11 0.28
N SER A 233 23.25 -37.66 -0.89
CA SER A 233 22.56 -36.94 -1.93
C SER A 233 21.09 -36.73 -1.72
N ASN A 234 20.37 -37.80 -1.48
CA ASN A 234 18.95 -37.70 -1.35
C ASN A 234 18.44 -38.34 -0.12
N HIS A 235 17.14 -38.22 0.08
CA HIS A 235 16.50 -38.73 1.26
C HIS A 235 15.69 -39.97 1.04
N GLY A 236 15.24 -40.20 -0.19
CA GLY A 236 14.17 -41.12 -0.48
C GLY A 236 14.47 -42.42 0.13
N GLU A 237 13.48 -43.24 0.48
CA GLU A 237 12.08 -42.87 0.57
C GLU A 237 11.82 -42.49 2.01
N PHE A 238 12.46 -41.42 2.41
CA PHE A 238 12.37 -40.91 3.78
C PHE A 238 12.68 -41.99 4.82
N ASP A 239 13.61 -42.88 4.49
CA ASP A 239 13.99 -43.95 5.40
C ASP A 239 15.05 -43.47 6.39
N ASP A 240 15.65 -44.41 7.13
CA ASP A 240 16.63 -44.07 8.15
C ASP A 240 18.04 -43.94 7.58
N THR A 241 18.33 -44.72 6.54
CA THR A 241 19.67 -44.72 5.94
C THR A 241 19.95 -43.45 5.15
N HIS A 242 18.92 -42.66 4.91
CA HIS A 242 19.07 -41.40 4.18
C HIS A 242 18.69 -40.20 5.05
N ALA A 243 18.47 -40.45 6.34
CA ALA A 243 18.03 -39.41 7.26
C ALA A 243 19.09 -38.34 7.49
N ASN A 244 20.34 -38.67 7.15
CA ASN A 244 21.45 -37.75 7.35
C ASN A 244 21.93 -37.15 6.03
N SER A 245 21.06 -37.14 5.04
CA SER A 245 21.42 -36.66 3.71
C SER A 245 21.35 -35.14 3.62
N LEU A 246 21.99 -34.59 2.60
CA LEU A 246 21.96 -33.15 2.34
C LEU A 246 20.52 -32.69 2.13
N GLU A 247 19.69 -33.57 1.59
CA GLU A 247 18.30 -33.22 1.27
C GLU A 247 17.39 -33.35 2.47
N ALA A 248 17.62 -34.39 3.27
CA ALA A 248 16.81 -34.62 4.47
C ALA A 248 16.88 -33.44 5.42
N VAL A 249 18.10 -32.98 5.69
CA VAL A 249 18.33 -31.80 6.52
C VAL A 249 17.74 -30.56 5.85
N HIS A 250 17.74 -30.60 4.47
CA HIS A 250 17.23 -29.51 3.65
C HIS A 250 15.70 -29.41 3.72
N ASP A 251 15.05 -30.54 3.95
CA ASP A 251 13.59 -30.59 3.98
C ASP A 251 13.01 -29.86 5.18
N ASP A 252 13.73 -29.89 6.31
CA ASP A 252 13.25 -29.28 7.55
C ASP A 252 13.02 -27.78 7.40
N ILE A 253 13.82 -27.12 6.57
CA ILE A 253 13.70 -25.68 6.40
C ILE A 253 12.46 -25.31 5.59
N HIS A 254 12.09 -26.16 4.66
CA HIS A 254 10.87 -25.94 3.88
C HIS A 254 9.64 -26.11 4.77
N GLY A 255 9.72 -27.06 5.71
CA GLY A 255 8.63 -27.30 6.64
C GLY A 255 8.45 -26.17 7.64
N PHE A 256 9.57 -25.70 8.20
CA PHE A 256 9.53 -24.62 9.18
C PHE A 256 8.87 -23.36 8.63
N VAL A 257 9.17 -23.04 7.38
CA VAL A 257 8.72 -21.80 6.77
C VAL A 257 7.32 -21.90 6.18
N GLY A 258 7.05 -23.01 5.50
CA GLY A 258 5.81 -23.17 4.78
C GLY A 258 4.66 -23.79 5.56
N ARG A 259 4.99 -24.69 6.48
CA ARG A 259 3.98 -25.46 7.20
C ARG A 259 3.52 -24.77 8.49
N GLY A 260 2.31 -24.21 8.46
CA GLY A 260 1.70 -23.66 9.65
C GLY A 260 0.55 -24.54 10.09
N ALA A 261 -0.64 -23.94 10.22
CA ALA A 261 -1.85 -24.71 10.47
C ALA A 261 -2.23 -25.44 9.19
N ILE A 262 -2.12 -24.74 8.07
CA ILE A 262 -2.28 -25.33 6.76
C ILE A 262 -0.96 -25.17 5.99
N ARG A 263 -0.84 -25.87 4.87
CA ARG A 263 0.41 -25.86 4.11
C ARG A 263 0.59 -24.57 3.30
N GLY A 264 1.73 -23.93 3.48
CA GLY A 264 2.08 -22.74 2.71
C GLY A 264 2.88 -23.12 1.47
N HIS A 265 3.48 -22.12 0.84
CA HIS A 265 4.21 -22.35 -0.40
C HIS A 265 5.53 -23.11 -0.18
N MET A 266 6.29 -22.72 0.84
CA MET A 266 7.60 -23.30 1.09
C MET A 266 7.53 -24.80 1.43
N THR A 267 6.37 -25.26 1.88
CA THR A 267 6.22 -26.66 2.26
C THR A 267 5.56 -27.48 1.17
N HIS A 268 5.58 -26.97 -0.05
CA HIS A 268 5.02 -27.67 -1.20
C HIS A 268 5.96 -27.53 -2.39
N ALA A 269 6.52 -28.65 -2.85
CA ALA A 269 7.54 -28.64 -3.89
C ALA A 269 7.07 -27.96 -5.18
N LEU A 270 5.76 -27.89 -5.37
CA LEU A 270 5.20 -27.31 -6.60
C LEU A 270 5.09 -25.79 -6.51
N PHE A 271 5.29 -25.24 -5.32
CA PHE A 271 5.14 -23.80 -5.12
C PHE A 271 6.28 -23.19 -4.33
N ALA A 272 7.17 -24.04 -3.81
CA ALA A 272 8.22 -23.59 -2.89
C ALA A 272 9.17 -22.58 -3.52
N ALA A 273 9.44 -22.73 -4.81
CA ALA A 273 10.38 -21.87 -5.50
C ALA A 273 9.90 -20.43 -5.59
N PHE A 274 8.58 -20.24 -5.59
CA PHE A 274 7.99 -18.92 -5.76
C PHE A 274 8.24 -18.01 -4.54
N ASP A 275 8.54 -18.61 -3.40
CA ASP A 275 8.87 -17.84 -2.21
C ASP A 275 10.33 -17.38 -2.30
N PRO A 276 10.54 -16.05 -2.27
CA PRO A 276 11.87 -15.44 -2.41
C PRO A 276 12.93 -16.01 -1.46
N ILE A 277 12.50 -16.52 -0.30
CA ILE A 277 13.44 -17.04 0.68
C ILE A 277 13.98 -18.39 0.24
N PHE A 278 13.36 -18.96 -0.79
CA PHE A 278 13.77 -20.26 -1.33
C PHE A 278 15.21 -20.24 -1.82
N TRP A 279 15.62 -19.09 -2.35
CA TRP A 279 16.94 -18.96 -2.97
C TRP A 279 18.05 -18.75 -1.94
N LEU A 280 17.69 -18.07 -0.84
CA LEU A 280 18.64 -17.89 0.25
C LEU A 280 18.92 -19.22 0.94
N HIS A 281 17.86 -20.08 0.93
CA HIS A 281 17.96 -21.42 1.49
C HIS A 281 18.93 -22.29 0.68
N HIS A 282 18.62 -22.45 -0.60
CA HIS A 282 19.38 -23.35 -1.46
C HIS A 282 20.74 -22.79 -1.85
N SER A 283 20.99 -21.48 -1.55
CA SER A 283 22.33 -20.93 -1.67
C SER A 283 23.18 -21.48 -0.54
N ASN A 284 22.55 -21.67 0.62
CA ASN A 284 23.21 -22.24 1.78
C ASN A 284 23.30 -23.75 1.68
N VAL A 285 22.30 -24.35 1.06
CA VAL A 285 22.32 -25.78 0.77
C VAL A 285 23.50 -26.10 -0.14
N ASP A 286 23.79 -25.17 -1.05
CA ASP A 286 24.91 -25.33 -1.96
C ASP A 286 26.23 -25.13 -1.23
N ARG A 287 26.21 -24.28 -0.20
CA ARG A 287 27.40 -24.03 0.60
C ARG A 287 27.77 -25.27 1.40
N HIS A 288 26.74 -26.01 1.83
CA HIS A 288 26.95 -27.27 2.53
C HIS A 288 27.67 -28.26 1.62
N LEU A 289 27.25 -28.29 0.37
CA LEU A 289 27.88 -29.16 -0.62
C LEU A 289 29.35 -28.80 -0.79
N SER A 290 29.64 -27.50 -0.82
CA SER A 290 31.02 -27.03 -0.95
C SER A 290 31.84 -27.41 0.27
N LEU A 291 31.26 -27.27 1.45
CA LEU A 291 31.92 -27.63 2.70
C LEU A 291 32.16 -29.13 2.79
N TRP A 292 31.13 -29.89 2.42
CA TRP A 292 31.21 -31.34 2.43
C TRP A 292 32.29 -31.84 1.47
N GLN A 293 32.41 -31.17 0.32
CA GLN A 293 33.44 -31.50 -0.65
C GLN A 293 34.84 -31.36 -0.04
N ALA A 294 34.99 -30.40 0.86
CA ALA A 294 36.27 -30.15 1.51
C ALA A 294 36.65 -31.32 2.43
N LEU A 295 35.64 -31.93 3.04
CA LEU A 295 35.87 -33.04 3.95
C LEU A 295 35.99 -34.36 3.19
N TYR A 296 35.21 -34.51 2.13
CA TYR A 296 35.17 -35.76 1.38
C TYR A 296 35.55 -35.58 -0.09
N PRO A 297 36.81 -35.18 -0.35
CA PRO A 297 37.27 -35.01 -1.72
C PRO A 297 37.31 -36.34 -2.47
N GLY A 298 36.99 -36.32 -3.75
CA GLY A 298 36.99 -37.53 -4.56
C GLY A 298 35.63 -38.17 -4.66
N VAL A 299 34.77 -37.88 -3.69
CA VAL A 299 33.42 -38.43 -3.68
C VAL A 299 32.45 -37.53 -4.43
N TRP A 300 31.75 -38.10 -5.42
CA TRP A 300 30.78 -37.35 -6.19
C TRP A 300 29.59 -38.22 -6.58
N VAL A 301 28.89 -37.84 -7.64
CA VAL A 301 27.65 -38.50 -8.04
C VAL A 301 27.83 -39.97 -8.39
N THR A 302 26.97 -40.81 -7.83
CA THR A 302 26.92 -42.22 -8.19
C THR A 302 25.59 -42.55 -8.87
N GLN A 303 25.51 -43.73 -9.47
CA GLN A 303 24.32 -44.12 -10.22
C GLN A 303 23.12 -44.36 -9.31
N GLY A 304 21.92 -44.05 -9.82
CA GLY A 304 20.69 -44.22 -9.09
C GLY A 304 19.48 -43.97 -9.95
N PRO A 305 18.33 -44.55 -9.57
CA PRO A 305 17.07 -44.44 -10.33
C PRO A 305 16.27 -43.19 -10.04
N GLU A 306 15.45 -42.77 -11.00
CA GLU A 306 14.52 -41.66 -10.81
C GLU A 306 13.23 -42.17 -10.17
N ARG A 307 13.09 -41.99 -8.87
CA ARG A 307 11.96 -42.55 -8.14
C ARG A 307 10.71 -41.67 -8.18
N GLU A 308 10.87 -40.38 -7.86
CA GLU A 308 9.74 -39.46 -7.87
C GLU A 308 9.28 -39.15 -9.29
N GLY A 309 10.22 -38.72 -10.12
CA GLY A 309 9.92 -38.34 -11.49
C GLY A 309 9.94 -36.83 -11.67
N SER A 310 10.68 -36.36 -12.67
CA SER A 310 10.75 -34.94 -12.98
C SER A 310 10.69 -34.74 -14.48
N MET A 311 10.57 -33.50 -14.93
CA MET A 311 10.42 -33.25 -16.36
C MET A 311 11.71 -33.59 -17.13
N GLY A 312 12.78 -33.88 -16.41
CA GLY A 312 14.02 -34.30 -17.04
C GLY A 312 14.08 -35.80 -17.17
N PHE A 313 13.60 -36.50 -16.15
CA PHE A 313 13.65 -37.96 -16.11
C PHE A 313 12.33 -38.57 -15.65
N ALA A 314 11.82 -39.52 -16.42
CA ALA A 314 10.63 -40.27 -16.04
C ALA A 314 10.99 -41.28 -14.96
N PRO A 315 9.99 -41.68 -14.16
CA PRO A 315 10.21 -42.61 -13.05
C PRO A 315 10.75 -43.96 -13.51
N GLY A 316 11.91 -44.35 -12.98
CA GLY A 316 12.52 -45.62 -13.35
C GLY A 316 13.77 -45.45 -14.17
N THR A 317 13.97 -44.25 -14.71
CA THR A 317 15.15 -43.96 -15.50
C THR A 317 16.42 -44.03 -14.63
N GLU A 318 17.49 -44.54 -15.21
CA GLU A 318 18.77 -44.59 -14.50
C GLU A 318 19.53 -43.28 -14.65
N LEU A 319 20.09 -42.79 -13.57
CA LEU A 319 20.78 -41.50 -13.59
C LEU A 319 22.20 -41.61 -13.02
N ASN A 320 23.14 -40.93 -13.68
CA ASN A 320 24.51 -40.88 -13.20
C ASN A 320 25.13 -39.49 -13.37
N LYS A 321 26.44 -39.41 -13.25
CA LYS A 321 27.16 -38.14 -13.35
C LYS A 321 27.09 -37.55 -14.76
N ASP A 322 26.80 -38.40 -15.74
CA ASP A 322 26.77 -37.97 -17.13
C ASP A 322 25.36 -37.61 -17.59
N SER A 323 24.39 -37.75 -16.69
CA SER A 323 23.02 -37.38 -17.01
C SER A 323 22.91 -35.88 -17.23
N ALA A 324 22.09 -35.49 -18.21
CA ALA A 324 21.86 -34.08 -18.49
C ALA A 324 21.00 -33.45 -17.41
N LEU A 325 21.33 -32.23 -17.02
CA LEU A 325 20.60 -31.53 -15.98
C LEU A 325 19.68 -30.46 -16.56
N GLU A 326 18.60 -30.91 -17.22
CA GLU A 326 17.60 -30.01 -17.79
C GLU A 326 16.98 -29.12 -16.73
N PRO A 327 16.68 -27.86 -17.10
CA PRO A 327 16.97 -27.28 -18.41
C PRO A 327 18.22 -26.40 -18.39
N PHE A 328 19.26 -26.86 -17.71
CA PHE A 328 20.48 -26.06 -17.55
C PHE A 328 21.54 -26.46 -18.57
N TYR A 329 21.94 -25.50 -19.40
CA TYR A 329 22.89 -25.77 -20.49
C TYR A 329 24.18 -24.96 -20.37
N GLU A 330 25.31 -25.63 -20.59
CA GLU A 330 26.61 -24.97 -20.62
C GLU A 330 26.68 -24.01 -21.80
N THR A 331 26.21 -24.47 -22.95
CA THR A 331 26.13 -23.64 -24.14
C THR A 331 24.77 -23.83 -24.81
N GLU A 332 24.67 -23.40 -26.07
CA GLU A 332 23.41 -23.55 -26.81
C GLU A 332 23.05 -25.00 -27.06
N ASP A 333 24.06 -25.85 -27.22
CA ASP A 333 23.83 -27.24 -27.62
C ASP A 333 24.31 -28.25 -26.59
N LYS A 334 24.91 -27.77 -25.50
CA LYS A 334 25.49 -28.65 -24.50
C LYS A 334 24.82 -28.51 -23.15
N PRO A 335 24.10 -29.55 -22.71
CA PRO A 335 23.47 -29.59 -21.38
C PRO A 335 24.52 -29.70 -20.28
N TRP A 336 24.17 -29.25 -19.07
CA TRP A 336 25.07 -29.39 -17.93
C TRP A 336 25.09 -30.83 -17.43
N THR A 337 26.20 -31.21 -16.81
CA THR A 337 26.33 -32.51 -16.18
C THR A 337 26.95 -32.37 -14.79
N SER A 338 26.88 -33.43 -14.00
CA SER A 338 27.33 -33.39 -12.62
C SER A 338 28.86 -33.40 -12.50
N VAL A 339 29.52 -34.01 -13.48
CA VAL A 339 30.98 -34.18 -13.43
C VAL A 339 31.74 -32.87 -13.21
N PRO A 340 31.49 -31.86 -14.06
CA PRO A 340 32.21 -30.59 -13.93
C PRO A 340 31.76 -29.74 -12.75
N LEU A 341 30.56 -29.99 -12.23
CA LEU A 341 29.98 -29.14 -11.20
C LEU A 341 30.65 -29.28 -9.83
N THR A 342 31.77 -29.97 -9.79
CA THR A 342 32.55 -30.08 -8.56
C THR A 342 33.28 -28.77 -8.30
N ASP A 343 33.48 -28.00 -9.36
CA ASP A 343 34.20 -26.74 -9.26
C ASP A 343 33.26 -25.54 -9.46
N THR A 344 32.92 -24.87 -8.36
CA THR A 344 32.00 -23.74 -8.41
C THR A 344 32.61 -22.55 -9.14
N ALA A 345 33.92 -22.59 -9.36
CA ALA A 345 34.63 -21.52 -10.04
C ALA A 345 34.15 -21.40 -11.50
N LEU A 346 33.66 -22.50 -12.04
CA LEU A 346 33.14 -22.52 -13.40
C LEU A 346 31.90 -21.64 -13.52
N LEU A 347 31.28 -21.36 -12.38
CA LEU A 347 30.09 -20.54 -12.34
C LEU A 347 30.37 -19.21 -11.65
N ASN A 348 31.65 -18.90 -11.53
CA ASN A 348 32.09 -17.61 -11.01
C ASN A 348 31.60 -17.29 -9.61
N TYR A 349 31.58 -18.28 -8.73
CA TYR A 349 31.20 -18.03 -7.35
C TYR A 349 31.95 -18.92 -6.37
N SER A 350 31.82 -18.61 -5.09
CA SER A 350 32.47 -19.37 -4.03
C SER A 350 31.94 -18.89 -2.68
N TYR A 351 32.47 -19.45 -1.59
CA TYR A 351 32.00 -19.10 -0.26
C TYR A 351 33.16 -18.61 0.61
N PRO A 352 32.87 -17.65 1.50
CA PRO A 352 33.87 -17.01 2.36
C PRO A 352 34.50 -17.97 3.37
N ASP A 353 33.95 -19.17 3.49
CA ASP A 353 34.48 -20.18 4.39
C ASP A 353 35.87 -20.64 3.96
N PHE A 354 36.21 -20.39 2.70
CA PHE A 354 37.46 -20.88 2.13
C PHE A 354 38.50 -19.79 1.93
N ASP A 355 38.19 -18.57 2.35
CA ASP A 355 39.04 -17.41 2.06
C ASP A 355 40.46 -17.54 2.60
N LYS A 356 40.59 -18.06 3.82
CA LYS A 356 41.90 -18.15 4.46
C LYS A 356 42.72 -19.36 3.99
N VAL A 357 42.15 -20.15 3.08
CA VAL A 357 42.85 -21.33 2.57
C VAL A 357 42.79 -21.43 1.06
N LYS A 358 42.74 -20.29 0.38
CA LYS A 358 42.69 -20.27 -1.07
C LYS A 358 44.03 -20.74 -1.67
N GLY A 359 43.95 -21.61 -2.66
CA GLY A 359 45.15 -22.12 -3.31
C GLY A 359 45.94 -23.06 -2.40
N GLY A 360 45.25 -23.63 -1.42
CA GLY A 360 45.87 -24.56 -0.50
C GLY A 360 45.66 -26.00 -0.90
N THR A 361 46.50 -26.89 -0.37
CA THR A 361 46.40 -28.31 -0.66
C THR A 361 45.11 -28.89 -0.09
N PRO A 362 44.59 -29.95 -0.74
CA PRO A 362 43.36 -30.61 -0.31
C PRO A 362 43.43 -31.09 1.14
N ASP A 363 44.63 -31.34 1.63
CA ASP A 363 44.84 -31.83 2.98
C ASP A 363 44.69 -30.69 3.99
N LEU A 364 45.33 -29.57 3.71
CA LEU A 364 45.22 -28.39 4.57
C LEU A 364 43.79 -27.87 4.61
N VAL A 365 43.12 -27.87 3.47
CA VAL A 365 41.74 -27.42 3.38
C VAL A 365 40.81 -28.29 4.20
N ARG A 366 41.01 -29.61 4.11
CA ARG A 366 40.17 -30.56 4.84
C ARG A 366 40.29 -30.38 6.35
N ASP A 367 41.47 -29.95 6.80
CA ASP A 367 41.69 -29.74 8.22
C ASP A 367 41.15 -28.39 8.67
N TYR A 368 41.26 -27.39 7.81
CA TYR A 368 40.75 -26.06 8.11
C TYR A 368 39.23 -26.05 8.16
N ILE A 369 38.62 -26.65 7.14
CA ILE A 369 37.16 -26.70 7.04
C ILE A 369 36.56 -27.55 8.14
N ASN A 370 37.24 -28.65 8.48
CA ASN A 370 36.78 -29.53 9.55
C ASN A 370 36.72 -28.81 10.88
N ASP A 371 37.77 -28.05 11.19
CA ASP A 371 37.78 -27.22 12.39
C ASP A 371 36.68 -26.17 12.31
N HIS A 372 36.44 -25.67 11.11
CA HIS A 372 35.40 -24.68 10.86
C HIS A 372 34.03 -25.23 11.22
N ILE A 373 33.72 -26.41 10.71
CA ILE A 373 32.43 -27.06 10.98
C ILE A 373 32.27 -27.39 12.46
N ASP A 374 33.30 -27.99 13.04
CA ASP A 374 33.30 -28.34 14.47
C ASP A 374 33.02 -27.13 15.35
N ARG A 375 33.69 -26.02 15.06
CA ARG A 375 33.60 -24.82 15.87
C ARG A 375 32.28 -24.07 15.67
N ARG A 376 31.64 -24.29 14.53
CA ARG A 376 30.43 -23.54 14.19
C ARG A 376 29.15 -24.34 14.43
N TYR A 377 29.18 -25.64 14.12
CA TYR A 377 27.99 -26.46 14.24
C TYR A 377 28.15 -27.58 15.26
N GLY A 378 29.24 -27.55 16.01
CA GLY A 378 29.51 -28.57 17.01
C GLY A 378 29.55 -28.03 18.42
N ILE A 379 29.06 -26.80 18.61
CA ILE A 379 29.05 -26.19 19.93
C ILE A 379 27.65 -25.73 20.32
N LYS A 380 27.53 -25.13 21.50
CA LYS A 380 26.23 -24.75 22.06
C LYS A 380 25.57 -23.60 21.30
N LYS A 381 24.47 -23.11 21.86
CA LYS A 381 23.64 -22.09 21.21
C LYS A 381 24.40 -20.81 20.92
N SER A 382 23.90 -20.05 19.94
CA SER A 382 24.50 -18.78 19.55
C SER A 382 23.96 -17.64 20.40
N LEU B 2 -5.29 -1.13 -20.01
CA LEU B 2 -4.66 -0.72 -21.24
C LEU B 2 -3.87 0.55 -20.92
N LEU B 3 -4.00 0.98 -19.67
CA LEU B 3 -3.31 2.16 -19.16
C LEU B 3 -2.98 1.97 -17.68
N ALA B 4 -1.73 1.62 -17.33
CA ALA B 4 -1.29 1.35 -15.97
C ALA B 4 -1.13 2.63 -15.15
N THR B 5 -1.65 2.61 -13.93
CA THR B 5 -1.51 3.72 -13.01
C THR B 5 -0.15 3.68 -12.31
N VAL B 6 0.84 4.33 -12.90
CA VAL B 6 2.20 4.32 -12.36
C VAL B 6 2.53 5.65 -11.68
N GLY B 7 1.76 6.68 -12.00
CA GLY B 7 1.97 8.00 -11.40
C GLY B 7 2.75 8.92 -12.30
N PRO B 8 3.01 10.15 -11.83
CA PRO B 8 3.72 11.16 -12.62
C PRO B 8 5.22 10.84 -12.75
N THR B 9 5.82 11.28 -13.84
CA THR B 9 7.26 11.13 -14.02
C THR B 9 8.00 12.22 -13.25
N GLY B 10 9.33 12.18 -13.30
CA GLY B 10 10.13 13.11 -12.52
C GLY B 10 10.37 12.56 -11.14
N GLY B 11 11.11 13.30 -10.32
CA GLY B 11 11.43 12.83 -8.98
C GLY B 11 10.23 12.84 -8.04
N VAL B 12 10.49 12.62 -6.77
CA VAL B 12 9.44 12.71 -5.76
C VAL B 12 9.18 14.19 -5.46
N LYS B 13 8.14 14.74 -6.07
CA LYS B 13 7.83 16.14 -5.91
C LYS B 13 6.64 16.33 -4.98
N ASN B 14 6.65 17.43 -4.23
CA ASN B 14 5.55 17.73 -3.33
C ASN B 14 4.30 18.20 -4.05
N ARG B 15 3.15 17.83 -3.53
CA ARG B 15 1.90 18.42 -3.95
C ARG B 15 1.71 19.70 -3.16
N LEU B 16 1.77 20.83 -3.84
CA LEU B 16 1.75 22.12 -3.16
C LEU B 16 0.36 22.51 -2.68
N ASP B 17 0.34 23.22 -1.56
CA ASP B 17 -0.90 23.82 -1.05
C ASP B 17 -1.44 24.78 -2.12
N ILE B 18 -2.75 24.72 -2.34
CA ILE B 18 -3.37 25.50 -3.41
C ILE B 18 -3.07 26.99 -3.29
N VAL B 19 -2.94 27.47 -2.06
CA VAL B 19 -2.66 28.88 -1.81
C VAL B 19 -1.29 29.28 -2.37
N ASP B 20 -0.35 28.34 -2.35
CA ASP B 20 0.98 28.57 -2.90
C ASP B 20 0.98 28.31 -4.40
N PHE B 21 0.27 27.26 -4.80
CA PHE B 21 0.23 26.80 -6.19
C PHE B 21 -0.19 27.92 -7.16
N VAL B 22 -1.21 28.68 -6.78
CA VAL B 22 -1.74 29.72 -7.66
C VAL B 22 -0.87 30.97 -7.69
N ARG B 23 0.24 30.93 -6.96
CA ARG B 23 1.21 32.04 -6.99
C ARG B 23 2.46 31.64 -7.75
N ASP B 24 2.40 30.50 -8.43
CA ASP B 24 3.49 30.03 -9.27
C ASP B 24 3.07 30.05 -10.73
N GLU B 25 3.62 30.98 -11.50
CA GLU B 25 3.21 31.17 -12.89
C GLU B 25 3.36 29.91 -13.73
N LYS B 26 4.49 29.23 -13.59
CA LYS B 26 4.74 28.01 -14.35
C LYS B 26 3.73 26.91 -14.01
N PHE B 27 3.57 26.63 -12.72
CA PHE B 27 2.69 25.57 -12.27
C PHE B 27 1.22 25.85 -12.57
N PHE B 28 0.77 27.06 -12.26
CA PHE B 28 -0.62 27.43 -12.45
C PHE B 28 -0.99 27.48 -13.93
N THR B 29 -0.05 27.94 -14.75
CA THR B 29 -0.28 27.98 -16.19
C THR B 29 -0.43 26.57 -16.76
N LEU B 30 0.49 25.69 -16.39
CA LEU B 30 0.48 24.32 -16.90
C LEU B 30 -0.75 23.56 -16.43
N TYR B 31 -1.17 23.81 -15.20
CA TYR B 31 -2.35 23.15 -14.65
C TYR B 31 -3.59 23.58 -15.44
N ILE B 32 -3.73 24.89 -15.64
CA ILE B 32 -4.84 25.45 -16.40
C ILE B 32 -4.88 24.89 -17.82
N ARG B 33 -3.73 24.92 -18.48
CA ARG B 33 -3.64 24.42 -19.85
C ARG B 33 -3.93 22.93 -19.95
N ALA B 34 -3.36 22.16 -19.02
CA ALA B 34 -3.51 20.71 -19.05
C ALA B 34 -4.92 20.27 -18.70
N LEU B 35 -5.52 20.95 -17.72
CA LEU B 35 -6.88 20.63 -17.31
C LEU B 35 -7.85 20.87 -18.46
N GLN B 36 -7.69 22.00 -19.15
CA GLN B 36 -8.55 22.35 -20.27
C GLN B 36 -8.35 21.38 -21.43
N ALA B 37 -7.13 20.89 -21.58
CA ALA B 37 -6.81 19.96 -22.66
C ALA B 37 -7.51 18.62 -22.48
N ILE B 38 -7.48 18.09 -21.26
CA ILE B 38 -8.10 16.80 -20.99
C ILE B 38 -9.62 16.91 -20.89
N GLN B 39 -10.11 18.12 -20.69
CA GLN B 39 -11.55 18.36 -20.67
C GLN B 39 -12.09 18.45 -22.10
N ASP B 40 -11.26 18.92 -23.02
CA ASP B 40 -11.66 19.03 -24.42
C ASP B 40 -11.50 17.71 -25.16
N LYS B 41 -10.82 16.75 -24.53
CA LYS B 41 -10.63 15.43 -25.12
C LYS B 41 -11.96 14.70 -25.26
N ASP B 42 -12.02 13.78 -26.23
CA ASP B 42 -13.21 12.99 -26.45
C ASP B 42 -13.57 12.21 -25.19
N GLN B 43 -14.87 12.19 -24.85
CA GLN B 43 -15.32 11.52 -23.65
C GLN B 43 -15.23 10.00 -23.78
N SER B 44 -14.84 9.54 -24.97
CA SER B 44 -14.63 8.12 -25.21
C SER B 44 -13.20 7.71 -24.84
N ASP B 45 -12.31 8.69 -24.81
CA ASP B 45 -10.91 8.45 -24.52
C ASP B 45 -10.68 8.20 -23.03
N TYR B 46 -10.09 7.04 -22.71
CA TYR B 46 -9.81 6.68 -21.32
C TYR B 46 -8.97 7.72 -20.60
N SER B 47 -8.18 8.47 -21.36
CA SER B 47 -7.29 9.49 -20.79
C SER B 47 -7.95 10.87 -20.79
N SER B 48 -9.26 10.91 -21.02
CA SER B 48 -10.00 12.16 -20.99
C SER B 48 -10.45 12.48 -19.58
N PHE B 49 -10.85 13.73 -19.36
CA PHE B 49 -11.33 14.16 -18.04
C PHE B 49 -12.62 13.43 -17.69
N PHE B 50 -13.48 13.25 -18.67
CA PHE B 50 -14.77 12.58 -18.46
C PHE B 50 -14.59 11.15 -17.97
N GLN B 51 -13.74 10.39 -18.65
CA GLN B 51 -13.51 8.99 -18.31
C GLN B 51 -12.83 8.83 -16.95
N LEU B 52 -11.85 9.67 -16.66
CA LEU B 52 -11.18 9.65 -15.36
C LEU B 52 -12.18 9.96 -14.25
N SER B 53 -13.03 10.94 -14.48
CA SER B 53 -14.07 11.30 -13.53
C SER B 53 -15.21 10.32 -13.58
N GLY B 54 -15.32 9.60 -14.70
CA GLY B 54 -16.36 8.60 -14.86
C GLY B 54 -16.09 7.36 -14.04
N ILE B 55 -14.83 7.17 -13.68
CA ILE B 55 -14.41 6.01 -12.89
C ILE B 55 -15.12 5.98 -11.53
N HIS B 56 -15.23 7.13 -10.90
CA HIS B 56 -15.81 7.25 -9.56
C HIS B 56 -17.21 6.65 -9.51
N GLY B 57 -18.16 7.33 -10.14
CA GLY B 57 -19.54 6.87 -10.18
C GLY B 57 -19.96 6.51 -11.59
N LEU B 58 -20.85 7.33 -12.16
CA LEU B 58 -21.33 7.11 -13.52
C LEU B 58 -20.31 7.63 -14.53
N PRO B 59 -20.26 7.02 -15.72
CA PRO B 59 -21.11 5.87 -16.09
C PRO B 59 -20.57 4.56 -15.55
N PHE B 60 -21.41 3.53 -15.52
CA PHE B 60 -21.02 2.23 -15.02
C PHE B 60 -20.38 1.39 -16.13
N THR B 61 -19.22 1.84 -16.61
CA THR B 61 -18.49 1.12 -17.63
C THR B 61 -17.05 0.87 -17.20
N PRO B 62 -16.48 -0.26 -17.62
CA PRO B 62 -15.08 -0.60 -17.33
C PRO B 62 -14.11 0.45 -17.88
N TRP B 63 -13.09 0.80 -17.12
CA TRP B 63 -12.13 1.80 -17.54
C TRP B 63 -10.79 1.17 -17.93
N ALA B 64 -10.41 1.35 -19.20
CA ALA B 64 -9.13 0.88 -19.70
C ALA B 64 -8.93 -0.62 -19.52
N LYS B 65 -10.02 -1.38 -19.62
CA LYS B 65 -9.94 -2.84 -19.53
C LYS B 65 -9.81 -3.42 -20.93
N PRO B 66 -8.98 -4.46 -21.07
CA PRO B 66 -8.74 -5.11 -22.36
C PRO B 66 -10.00 -5.78 -22.91
N LYS B 67 -9.96 -6.21 -24.17
CA LYS B 67 -11.09 -6.90 -24.77
C LYS B 67 -11.37 -8.20 -24.02
N ASP B 68 -10.33 -9.00 -23.82
CA ASP B 68 -10.45 -10.27 -23.10
C ASP B 68 -10.47 -10.04 -21.60
N THR B 69 -11.63 -9.67 -21.08
CA THR B 69 -11.79 -9.47 -19.64
C THR B 69 -13.11 -10.07 -19.16
N PRO B 70 -13.05 -10.81 -18.04
CA PRO B 70 -14.28 -11.34 -17.42
C PRO B 70 -15.18 -10.21 -16.97
N THR B 71 -16.49 -10.38 -17.13
CA THR B 71 -17.47 -9.36 -16.76
C THR B 71 -17.22 -8.85 -15.35
N VAL B 72 -17.45 -7.55 -15.15
CA VAL B 72 -17.28 -6.94 -13.83
C VAL B 72 -18.19 -7.62 -12.81
N PRO B 73 -17.70 -7.77 -11.57
CA PRO B 73 -18.44 -8.47 -10.51
C PRO B 73 -19.62 -7.66 -9.97
N TYR B 74 -19.85 -6.47 -10.50
CA TYR B 74 -20.92 -5.60 -10.02
C TYR B 74 -20.99 -4.31 -10.84
N GLU B 75 -22.19 -3.98 -11.30
CA GLU B 75 -22.36 -2.82 -12.17
C GLU B 75 -22.68 -1.55 -11.39
N SER B 76 -21.65 -0.93 -10.83
CA SER B 76 -21.78 0.35 -10.14
C SER B 76 -20.51 1.18 -10.36
N GLY B 77 -20.30 2.19 -9.52
CA GLY B 77 -19.10 2.98 -9.59
C GLY B 77 -17.90 2.19 -9.08
N TYR B 78 -16.69 2.63 -9.45
CA TYR B 78 -15.47 1.96 -9.00
C TYR B 78 -15.10 2.36 -7.58
N CYS B 79 -15.46 3.58 -7.18
CA CYS B 79 -15.02 4.12 -5.91
C CYS B 79 -15.54 3.29 -4.73
N THR B 80 -14.71 3.17 -3.71
CA THR B 80 -15.05 2.38 -2.53
C THR B 80 -15.39 3.28 -1.35
N HIS B 81 -16.64 3.25 -0.93
CA HIS B 81 -17.09 4.08 0.17
C HIS B 81 -17.72 3.25 1.29
N SER B 82 -17.59 3.72 2.52
CA SER B 82 -18.13 3.03 3.69
C SER B 82 -17.44 1.69 3.94
N GLN B 83 -16.14 1.63 3.64
CA GLN B 83 -15.38 0.41 3.84
C GLN B 83 -13.90 0.69 4.10
N VAL B 84 -13.11 -0.36 4.30
CA VAL B 84 -11.72 -0.20 4.69
C VAL B 84 -10.81 0.22 3.54
N LEU B 85 -11.24 0.02 2.30
CA LEU B 85 -10.42 0.34 1.15
C LEU B 85 -10.58 1.79 0.70
N PHE B 86 -11.39 2.55 1.43
CA PHE B 86 -11.68 3.94 1.07
C PHE B 86 -10.41 4.79 0.93
N PRO B 87 -9.59 4.82 1.97
CA PRO B 87 -8.39 5.67 1.95
C PRO B 87 -7.41 5.30 0.84
N THR B 88 -7.16 4.01 0.66
CA THR B 88 -6.15 3.55 -0.29
C THR B 88 -6.62 3.61 -1.75
N TRP B 89 -7.87 3.23 -1.98
CA TRP B 89 -8.42 3.24 -3.34
C TRP B 89 -8.36 4.63 -3.93
N HIS B 90 -8.73 5.64 -3.13
CA HIS B 90 -8.72 7.01 -3.59
C HIS B 90 -7.31 7.54 -3.77
N ARG B 91 -6.36 6.99 -3.03
CA ARG B 91 -4.96 7.37 -3.16
C ARG B 91 -4.47 7.17 -4.59
N VAL B 92 -4.58 5.93 -5.07
CA VAL B 92 -4.17 5.58 -6.42
C VAL B 92 -5.10 6.24 -7.45
N TYR B 93 -6.30 6.62 -7.01
CA TYR B 93 -7.24 7.31 -7.88
C TYR B 93 -6.77 8.73 -8.22
N VAL B 94 -6.15 9.39 -7.26
CA VAL B 94 -5.58 10.71 -7.51
C VAL B 94 -4.32 10.60 -8.36
N SER B 95 -3.57 9.53 -8.16
CA SER B 95 -2.31 9.33 -8.86
C SER B 95 -2.51 9.18 -10.36
N ILE B 96 -3.51 8.40 -10.76
CA ILE B 96 -3.78 8.20 -12.18
C ILE B 96 -4.21 9.51 -12.84
N TYR B 97 -4.99 10.29 -12.11
CA TYR B 97 -5.42 11.62 -12.59
C TYR B 97 -4.20 12.53 -12.68
N GLU B 98 -3.42 12.55 -11.61
CA GLU B 98 -2.18 13.33 -11.57
C GLU B 98 -1.23 12.87 -12.68
N GLN B 99 -1.22 11.57 -12.94
CA GLN B 99 -0.39 10.98 -13.98
C GLN B 99 -0.81 11.45 -15.36
N ILE B 100 -2.12 11.43 -15.62
CA ILE B 100 -2.65 11.81 -16.93
C ILE B 100 -2.59 13.32 -17.13
N LEU B 101 -2.75 14.07 -16.05
CA LEU B 101 -2.70 15.53 -16.11
C LEU B 101 -1.28 16.00 -16.43
N GLN B 102 -0.29 15.32 -15.87
CA GLN B 102 1.10 15.69 -16.13
C GLN B 102 1.49 15.39 -17.57
N GLU B 103 1.03 14.26 -18.08
CA GLU B 103 1.27 13.87 -19.47
C GLU B 103 0.78 14.95 -20.42
N ALA B 104 -0.40 15.48 -20.15
CA ALA B 104 -0.97 16.54 -20.98
C ALA B 104 -0.16 17.82 -20.83
N ALA B 105 0.27 18.09 -19.59
CA ALA B 105 1.07 19.28 -19.30
C ALA B 105 2.42 19.22 -19.98
N LYS B 106 2.99 18.01 -20.06
CA LYS B 106 4.30 17.81 -20.67
C LYS B 106 4.24 18.06 -22.17
N GLY B 107 3.09 17.79 -22.77
CA GLY B 107 2.87 18.08 -24.18
C GLY B 107 2.63 19.56 -24.37
N ILE B 108 1.97 20.18 -23.40
CA ILE B 108 1.71 21.61 -23.44
C ILE B 108 3.02 22.41 -23.38
N ALA B 109 3.99 21.87 -22.64
CA ALA B 109 5.29 22.52 -22.51
C ALA B 109 5.97 22.66 -23.87
N LYS B 110 5.88 21.62 -24.66
CA LYS B 110 6.46 21.59 -26.00
C LYS B 110 5.82 22.65 -26.90
N LYS B 111 4.66 23.13 -26.47
CA LYS B 111 3.90 24.11 -27.24
C LYS B 111 4.48 25.50 -27.08
N PHE B 112 5.29 25.69 -26.04
CA PHE B 112 5.87 27.01 -25.74
C PHE B 112 7.00 27.39 -26.68
N THR B 113 7.16 28.70 -26.91
CA THR B 113 8.18 29.23 -27.81
C THR B 113 9.25 29.96 -27.02
N VAL B 114 8.95 30.25 -25.76
CA VAL B 114 9.87 31.00 -24.90
C VAL B 114 10.14 30.25 -23.60
N HIS B 115 11.41 30.26 -23.16
CA HIS B 115 11.81 29.58 -21.94
C HIS B 115 11.41 28.10 -21.97
N LYS B 116 11.56 27.48 -23.14
CA LYS B 116 11.08 26.12 -23.37
C LYS B 116 11.68 25.08 -22.40
N LYS B 117 12.90 25.34 -21.91
CA LYS B 117 13.55 24.41 -21.00
C LYS B 117 12.93 24.49 -19.60
N GLU B 118 12.55 25.70 -19.18
CA GLU B 118 11.89 25.87 -17.88
C GLU B 118 10.51 25.23 -17.86
N TRP B 119 9.79 25.35 -18.97
CA TRP B 119 8.43 24.83 -19.04
C TRP B 119 8.40 23.31 -19.05
N ALA B 120 9.42 22.71 -19.65
CA ALA B 120 9.54 21.25 -19.66
C ALA B 120 9.82 20.74 -18.24
N GLN B 121 10.57 21.52 -17.48
CA GLN B 121 10.90 21.15 -16.10
C GLN B 121 9.71 21.38 -15.18
N ALA B 122 8.89 22.36 -15.51
CA ALA B 122 7.69 22.67 -14.73
C ALA B 122 6.66 21.56 -14.86
N ALA B 123 6.54 20.99 -16.06
CA ALA B 123 5.64 19.88 -16.31
C ALA B 123 6.08 18.64 -15.53
N GLU B 124 7.39 18.47 -15.39
CA GLU B 124 7.95 17.34 -14.67
C GLU B 124 7.64 17.43 -13.17
N ASP B 125 7.78 18.62 -12.62
CA ASP B 125 7.57 18.82 -11.19
C ASP B 125 6.10 19.01 -10.84
N LEU B 126 5.25 19.02 -11.86
CA LEU B 126 3.83 19.33 -11.67
C LEU B 126 3.10 18.23 -10.91
N ARG B 127 2.56 18.59 -9.74
CA ARG B 127 1.77 17.68 -8.92
C ARG B 127 0.39 18.28 -8.64
N GLN B 128 -0.59 17.42 -8.42
CA GLN B 128 -1.96 17.86 -8.13
C GLN B 128 -2.04 18.56 -6.77
N PRO B 129 -2.28 19.88 -6.79
CA PRO B 129 -2.33 20.69 -5.56
C PRO B 129 -3.49 20.32 -4.66
N TYR B 130 -3.33 20.52 -3.35
CA TYR B 130 -4.35 20.13 -2.39
C TYR B 130 -5.04 21.35 -1.75
N TRP B 131 -6.33 21.20 -1.49
CA TRP B 131 -7.14 22.23 -0.85
C TRP B 131 -7.22 22.01 0.65
N ASP B 132 -6.34 22.68 1.40
CA ASP B 132 -6.26 22.51 2.85
C ASP B 132 -7.54 23.02 3.53
N THR B 133 -8.60 22.22 3.45
CA THR B 133 -9.90 22.60 3.99
C THR B 133 -9.89 22.72 5.52
N GLY B 134 -8.89 22.12 6.14
CA GLY B 134 -8.78 22.15 7.60
C GLY B 134 -8.20 23.45 8.12
N PHE B 135 -7.42 24.14 7.30
CA PHE B 135 -6.79 25.40 7.71
C PHE B 135 -7.44 26.59 7.02
N ALA B 136 -7.82 26.40 5.76
CA ALA B 136 -8.45 27.46 4.99
C ALA B 136 -9.59 26.91 4.14
N LEU B 137 -10.78 26.82 4.75
CA LEU B 137 -11.94 26.26 4.07
C LEU B 137 -12.34 27.10 2.87
N VAL B 138 -12.35 28.42 3.04
CA VAL B 138 -12.61 29.33 1.94
C VAL B 138 -11.35 29.42 1.08
N PRO B 139 -11.43 28.87 -0.15
CA PRO B 139 -10.28 28.74 -1.04
C PRO B 139 -9.93 30.03 -1.78
N PRO B 140 -8.81 30.01 -2.54
CA PRO B 140 -8.42 31.13 -3.39
C PRO B 140 -9.48 31.41 -4.45
N ASP B 141 -9.54 32.64 -4.94
CA ASP B 141 -10.54 33.02 -5.92
C ASP B 141 -10.35 32.31 -7.25
N GLU B 142 -9.18 31.71 -7.44
CA GLU B 142 -8.84 31.05 -8.69
C GLU B 142 -9.60 29.74 -8.87
N ILE B 143 -10.12 29.17 -7.79
CA ILE B 143 -10.77 27.86 -7.88
C ILE B 143 -12.25 27.88 -7.52
N ILE B 144 -12.82 29.06 -7.32
CA ILE B 144 -14.22 29.13 -6.91
C ILE B 144 -14.99 30.33 -7.47
N LYS B 145 -14.30 31.40 -7.83
CA LYS B 145 -14.98 32.63 -8.17
C LYS B 145 -14.61 33.19 -9.56
N LEU B 146 -13.32 33.42 -9.79
CA LEU B 146 -12.85 34.00 -11.05
C LEU B 146 -13.25 33.16 -12.26
N GLU B 147 -14.08 33.74 -13.13
CA GLU B 147 -14.47 33.08 -14.36
C GLU B 147 -13.30 33.00 -15.33
N GLN B 148 -12.39 33.96 -15.24
CA GLN B 148 -11.18 33.97 -16.04
C GLN B 148 -9.95 34.04 -15.14
N VAL B 149 -8.88 33.38 -15.56
CA VAL B 149 -7.63 33.42 -14.80
C VAL B 149 -6.48 33.89 -15.68
N LYS B 150 -5.56 34.64 -15.09
CA LYS B 150 -4.39 35.13 -15.82
C LYS B 150 -3.28 34.09 -15.86
N ILE B 151 -2.84 33.74 -17.07
CA ILE B 151 -1.73 32.82 -17.25
C ILE B 151 -0.78 33.32 -18.31
N THR B 152 0.37 32.67 -18.43
CA THR B 152 1.36 33.04 -19.44
C THR B 152 1.08 32.35 -20.77
N ASN B 153 0.88 33.15 -21.81
CA ASN B 153 0.65 32.62 -23.14
C ASN B 153 1.89 31.88 -23.66
N TYR B 154 1.77 31.23 -24.80
CA TYR B 154 2.86 30.42 -25.34
C TYR B 154 4.03 31.28 -25.81
N ASP B 155 3.75 32.51 -26.20
CA ASP B 155 4.80 33.41 -26.69
C ASP B 155 5.44 34.19 -25.54
N GLY B 156 5.02 33.88 -24.31
CA GLY B 156 5.62 34.51 -23.14
C GLY B 156 4.77 35.62 -22.54
N THR B 157 3.85 36.18 -23.33
CA THR B 157 3.01 37.27 -22.87
C THR B 157 1.96 36.76 -21.88
N LYS B 158 1.49 37.64 -21.01
CA LYS B 158 0.51 37.29 -19.99
C LYS B 158 -0.91 37.55 -20.45
N ILE B 159 -1.69 36.50 -20.60
CA ILE B 159 -3.06 36.61 -21.10
C ILE B 159 -4.08 36.06 -20.12
N THR B 160 -5.35 36.17 -20.48
CA THR B 160 -6.44 35.66 -19.65
C THR B 160 -7.23 34.59 -20.39
N VAL B 161 -7.44 33.44 -19.74
CA VAL B 161 -8.17 32.34 -20.36
C VAL B 161 -9.32 31.84 -19.49
N ARG B 162 -10.15 30.97 -20.08
CA ARG B 162 -11.23 30.33 -19.34
C ARG B 162 -10.70 29.47 -18.21
N ASN B 163 -11.25 29.67 -17.01
CA ASN B 163 -10.84 28.90 -15.84
C ASN B 163 -11.50 27.52 -15.80
N PRO B 164 -10.72 26.48 -16.16
CA PRO B 164 -11.26 25.11 -16.24
C PRO B 164 -11.51 24.49 -14.87
N ILE B 165 -11.16 25.20 -13.81
CA ILE B 165 -11.29 24.67 -12.45
C ILE B 165 -12.70 24.83 -11.89
N LEU B 166 -13.44 25.82 -12.41
CA LEU B 166 -14.77 26.13 -11.89
C LEU B 166 -15.81 25.07 -12.23
N ARG B 167 -15.71 24.48 -13.40
CA ARG B 167 -16.75 23.57 -13.88
C ARG B 167 -16.35 22.80 -15.12
N TYR B 168 -17.05 21.69 -15.39
CA TYR B 168 -16.83 20.90 -16.59
C TYR B 168 -18.05 20.94 -17.51
N SER B 169 -17.80 21.12 -18.80
CA SER B 169 -18.87 21.18 -19.79
C SER B 169 -19.01 19.84 -20.51
N PHE B 170 -20.09 19.12 -20.21
CA PHE B 170 -20.32 17.79 -20.78
C PHE B 170 -20.53 17.85 -22.30
N HIS B 171 -19.78 17.03 -23.02
CA HIS B 171 -19.93 16.94 -24.47
C HIS B 171 -19.85 15.49 -24.94
N PRO B 172 -21.00 14.78 -24.93
CA PRO B 172 -22.27 15.35 -24.50
C PRO B 172 -22.59 15.00 -23.05
N ILE B 173 -23.85 15.17 -22.66
CA ILE B 173 -24.32 14.62 -21.41
C ILE B 173 -24.55 13.13 -21.61
N ASP B 174 -23.82 12.32 -20.84
CA ASP B 174 -23.89 10.87 -20.99
C ASP B 174 -25.32 10.37 -20.79
N PRO B 175 -25.78 9.49 -21.69
CA PRO B 175 -27.10 8.87 -21.61
C PRO B 175 -27.30 8.11 -20.32
N SER B 176 -26.21 7.80 -19.63
CA SER B 176 -26.28 7.11 -18.34
C SER B 176 -26.70 8.08 -17.23
N PHE B 177 -27.06 9.30 -17.62
CA PHE B 177 -27.57 10.30 -16.67
C PHE B 177 -29.08 10.40 -16.77
N ASN B 178 -29.66 9.63 -17.68
CA ASN B 178 -31.07 9.75 -18.05
C ASN B 178 -32.05 9.75 -16.88
N GLY B 179 -32.00 8.70 -16.07
CA GLY B 179 -32.98 8.52 -15.01
C GLY B 179 -32.84 9.45 -13.82
N TYR B 180 -31.83 10.32 -13.85
CA TYR B 180 -31.53 11.18 -12.71
C TYR B 180 -31.99 12.61 -12.93
N PRO B 181 -32.85 13.10 -12.02
CA PRO B 181 -33.37 14.48 -12.06
C PRO B 181 -32.25 15.52 -12.07
N ASN B 182 -32.41 16.55 -12.90
CA ASN B 182 -31.45 17.64 -13.01
C ASN B 182 -30.13 17.25 -13.68
N PHE B 183 -29.54 16.15 -13.23
CA PHE B 183 -28.23 15.73 -13.71
C PHE B 183 -28.25 15.29 -15.17
N ASP B 184 -29.42 15.26 -15.78
CA ASP B 184 -29.55 14.84 -17.18
C ASP B 184 -29.78 16.02 -18.12
N THR B 185 -29.98 17.21 -17.55
CA THR B 185 -30.22 18.40 -18.35
C THR B 185 -29.20 19.50 -18.06
N TRP B 186 -28.38 19.29 -17.02
CA TRP B 186 -27.31 20.22 -16.70
C TRP B 186 -26.13 20.03 -17.65
N LYS B 187 -25.91 21.02 -18.51
CA LYS B 187 -24.80 20.98 -19.46
C LYS B 187 -23.47 21.09 -18.73
N THR B 188 -23.52 21.58 -17.50
CA THR B 188 -22.32 21.84 -16.72
C THR B 188 -22.51 21.41 -15.26
N THR B 189 -21.42 20.98 -14.64
CA THR B 189 -21.44 20.67 -13.22
C THR B 189 -21.75 21.94 -12.43
N VAL B 190 -22.72 21.85 -11.51
CA VAL B 190 -23.17 23.01 -10.76
C VAL B 190 -22.80 22.93 -9.29
N ARG B 191 -22.48 24.06 -8.70
CA ARG B 191 -22.10 24.12 -7.29
C ARG B 191 -23.12 24.90 -6.46
N ASN B 192 -23.57 24.31 -5.36
CA ASN B 192 -24.48 24.98 -4.44
C ASN B 192 -25.72 25.53 -5.12
N PRO B 193 -26.43 24.69 -5.89
CA PRO B 193 -27.54 25.13 -6.74
C PRO B 193 -28.74 25.68 -5.95
N ASP B 194 -29.49 26.56 -6.58
CA ASP B 194 -30.74 27.06 -6.01
C ASP B 194 -31.90 26.20 -6.48
N ALA B 195 -33.12 26.65 -6.19
CA ALA B 195 -34.31 25.93 -6.60
C ALA B 195 -34.53 26.06 -8.11
N ASP B 196 -34.08 27.18 -8.67
CA ASP B 196 -34.24 27.43 -10.10
C ASP B 196 -33.18 26.73 -10.92
N LYS B 197 -32.42 25.85 -10.27
CA LYS B 197 -31.38 25.04 -10.94
C LYS B 197 -30.19 25.87 -11.38
N LYS B 198 -29.98 27.02 -10.74
CA LYS B 198 -28.84 27.87 -11.07
C LYS B 198 -27.79 27.87 -9.97
N GLU B 199 -26.53 27.85 -10.37
CA GLU B 199 -25.41 27.83 -9.43
C GLU B 199 -25.44 29.05 -8.50
N ASN B 200 -24.84 28.92 -7.33
CA ASN B 200 -24.87 29.99 -6.34
C ASN B 200 -23.56 30.09 -5.56
N ILE B 201 -22.57 30.73 -6.17
CA ILE B 201 -21.25 30.86 -5.55
C ILE B 201 -21.23 31.74 -4.30
N PRO B 202 -21.88 32.92 -4.36
CA PRO B 202 -21.96 33.80 -3.20
C PRO B 202 -22.53 33.11 -1.97
N ALA B 203 -23.55 32.27 -2.16
CA ALA B 203 -24.11 31.49 -1.07
C ALA B 203 -23.12 30.46 -0.56
N LEU B 204 -22.34 29.90 -1.49
CA LEU B 204 -21.32 28.91 -1.14
C LEU B 204 -20.19 29.55 -0.33
N ILE B 205 -19.81 30.77 -0.71
CA ILE B 205 -18.77 31.51 0.02
C ILE B 205 -19.22 31.76 1.45
N GLY B 206 -20.48 32.17 1.62
CA GLY B 206 -21.04 32.41 2.93
C GLY B 206 -21.07 31.14 3.75
N LYS B 207 -21.39 30.02 3.10
CA LYS B 207 -21.46 28.74 3.77
C LYS B 207 -20.09 28.27 4.27
N LEU B 208 -19.12 28.23 3.36
CA LEU B 208 -17.78 27.78 3.69
C LEU B 208 -17.16 28.60 4.81
N ASP B 209 -17.45 29.90 4.82
CA ASP B 209 -16.92 30.79 5.86
C ASP B 209 -17.52 30.45 7.21
N LEU B 210 -18.74 29.94 7.19
CA LEU B 210 -19.47 29.60 8.42
C LEU B 210 -19.04 28.25 8.98
N GLU B 211 -18.72 27.32 8.09
CA GLU B 211 -18.34 25.96 8.49
C GLU B 211 -16.84 25.81 8.71
N ALA B 212 -16.12 26.92 8.71
CA ALA B 212 -14.67 26.90 8.82
C ALA B 212 -14.19 26.35 10.16
N ASP B 213 -14.68 26.94 11.25
CA ASP B 213 -14.25 26.54 12.59
C ASP B 213 -14.60 25.09 12.90
N SER B 214 -15.80 24.68 12.49
CA SER B 214 -16.25 23.30 12.68
C SER B 214 -15.36 22.33 11.92
N THR B 215 -15.09 22.66 10.66
CA THR B 215 -14.25 21.82 9.81
C THR B 215 -12.85 21.70 10.39
N ARG B 216 -12.42 22.73 11.10
CA ARG B 216 -11.11 22.76 11.73
C ARG B 216 -11.05 21.76 12.89
N GLU B 217 -12.07 21.77 13.75
CA GLU B 217 -12.12 20.85 14.87
C GLU B 217 -12.25 19.41 14.38
N LYS B 218 -13.16 19.19 13.43
CA LYS B 218 -13.38 17.86 12.88
C LYS B 218 -12.09 17.27 12.30
N THR B 219 -11.32 18.10 11.61
CA THR B 219 -10.08 17.66 10.99
C THR B 219 -9.02 17.31 12.02
N TYR B 220 -8.92 18.12 13.07
CA TYR B 220 -7.96 17.88 14.13
C TYR B 220 -8.24 16.56 14.86
N ASN B 221 -9.43 16.43 15.41
CA ASN B 221 -9.81 15.23 16.14
C ASN B 221 -9.80 13.98 15.27
N MET B 222 -9.98 14.16 13.97
CA MET B 222 -9.98 13.05 13.03
C MET B 222 -8.57 12.50 12.85
N LEU B 223 -7.60 13.39 12.71
CA LEU B 223 -6.22 13.00 12.46
C LEU B 223 -5.55 12.38 13.68
N LYS B 224 -5.85 12.92 14.85
CA LYS B 224 -5.14 12.54 16.07
C LYS B 224 -5.75 11.33 16.78
N PHE B 225 -7.07 11.36 16.97
CA PHE B 225 -7.72 10.42 17.88
C PHE B 225 -8.38 9.24 17.17
N ASN B 226 -7.71 8.73 16.15
CA ASN B 226 -8.12 7.47 15.51
C ASN B 226 -6.96 6.48 15.53
N ALA B 227 -7.06 5.48 16.39
CA ALA B 227 -5.93 4.59 16.66
C ALA B 227 -6.00 3.27 15.91
N ASN B 228 -7.12 3.01 15.24
CA ASN B 228 -7.27 1.80 14.44
C ASN B 228 -7.89 2.11 13.08
N TRP B 229 -7.75 1.18 12.14
CA TRP B 229 -8.18 1.41 10.77
C TRP B 229 -9.68 1.59 10.62
N GLU B 230 -10.47 0.79 11.35
CA GLU B 230 -11.92 0.84 11.24
C GLU B 230 -12.50 2.19 11.66
N ALA B 231 -11.87 2.82 12.65
CA ALA B 231 -12.34 4.09 13.18
C ALA B 231 -11.91 5.27 12.31
N PHE B 232 -10.87 5.04 11.50
CA PHE B 232 -10.27 6.11 10.72
C PHE B 232 -10.64 6.03 9.23
N SER B 233 -10.90 4.82 8.74
CA SER B 233 -11.04 4.62 7.31
C SER B 233 -12.43 4.92 6.75
N ASN B 234 -13.49 4.51 7.45
CA ASN B 234 -14.82 4.56 6.86
C ASN B 234 -15.97 5.04 7.75
N HIS B 235 -17.18 4.99 7.20
CA HIS B 235 -18.40 5.47 7.86
C HIS B 235 -18.82 4.62 9.05
N GLY B 236 -18.58 3.32 8.97
CA GLY B 236 -19.05 2.34 9.93
C GLY B 236 -19.19 2.79 11.37
N GLU B 237 -20.33 2.49 11.98
CA GLU B 237 -20.57 2.83 13.37
C GLU B 237 -19.75 1.97 14.31
N PHE B 238 -18.45 1.87 14.03
CA PHE B 238 -17.52 1.11 14.85
C PHE B 238 -17.56 1.61 16.29
N ASP B 239 -17.82 0.70 17.22
CA ASP B 239 -17.99 1.07 18.62
C ASP B 239 -16.71 1.59 19.25
N ASP B 240 -16.87 2.37 20.32
CA ASP B 240 -15.74 2.91 21.08
C ASP B 240 -14.94 3.94 20.27
N THR B 241 -15.63 4.67 19.40
CA THR B 241 -15.01 5.75 18.63
C THR B 241 -15.48 7.09 19.18
N HIS B 242 -14.59 8.09 19.13
CA HIS B 242 -14.89 9.39 19.72
C HIS B 242 -14.58 10.55 18.78
N ALA B 243 -14.19 10.24 17.55
CA ALA B 243 -13.85 11.26 16.57
C ALA B 243 -14.30 10.86 15.17
N ASN B 244 -14.44 11.84 14.30
CA ASN B 244 -14.83 11.57 12.93
C ASN B 244 -13.81 10.73 12.19
N SER B 245 -14.28 9.88 11.29
CA SER B 245 -13.39 9.12 10.42
C SER B 245 -12.90 10.00 9.29
N LEU B 246 -11.87 9.54 8.59
CA LEU B 246 -11.36 10.27 7.42
C LEU B 246 -12.49 10.55 6.44
N GLU B 247 -13.31 9.53 6.20
CA GLU B 247 -14.41 9.63 5.25
C GLU B 247 -15.48 10.62 5.73
N ALA B 248 -15.73 10.63 7.04
CA ALA B 248 -16.72 11.53 7.63
C ALA B 248 -16.37 12.99 7.34
N VAL B 249 -15.18 13.40 7.75
CA VAL B 249 -14.69 14.75 7.47
C VAL B 249 -14.67 14.99 5.97
N HIS B 250 -14.39 13.92 5.22
CA HIS B 250 -14.33 13.98 3.77
C HIS B 250 -15.69 14.31 3.16
N ASP B 251 -16.75 13.73 3.72
CA ASP B 251 -18.09 13.93 3.18
C ASP B 251 -18.57 15.37 3.37
N ASP B 252 -18.08 16.02 4.42
CA ASP B 252 -18.48 17.39 4.73
C ASP B 252 -18.20 18.34 3.58
N ILE B 253 -17.01 18.20 2.98
CA ILE B 253 -16.62 19.02 1.86
C ILE B 253 -17.53 18.82 0.66
N HIS B 254 -17.94 17.57 0.45
CA HIS B 254 -18.83 17.24 -0.67
C HIS B 254 -20.19 17.91 -0.51
N GLY B 255 -20.67 17.98 0.73
CA GLY B 255 -21.96 18.58 1.02
C GLY B 255 -21.92 20.09 0.87
N PHE B 256 -20.87 20.70 1.40
CA PHE B 256 -20.69 22.15 1.35
C PHE B 256 -20.78 22.67 -0.07
N VAL B 257 -20.08 22.01 -1.00
CA VAL B 257 -20.02 22.45 -2.38
C VAL B 257 -21.26 22.00 -3.16
N GLY B 258 -21.85 20.88 -2.75
CA GLY B 258 -22.92 20.27 -3.50
C GLY B 258 -24.33 20.64 -3.06
N ARG B 259 -24.58 20.60 -1.76
CA ARG B 259 -25.94 20.78 -1.25
C ARG B 259 -26.34 22.24 -1.15
N GLY B 260 -27.17 22.68 -2.10
CA GLY B 260 -27.79 23.99 -2.03
C GLY B 260 -29.28 23.82 -1.79
N ALA B 261 -30.09 24.55 -2.57
CA ALA B 261 -31.54 24.33 -2.54
C ALA B 261 -31.84 22.93 -3.08
N ILE B 262 -31.01 22.48 -4.01
CA ILE B 262 -31.08 21.12 -4.51
C ILE B 262 -29.68 20.52 -4.57
N ARG B 263 -29.57 19.29 -5.03
CA ARG B 263 -28.29 18.59 -5.03
C ARG B 263 -27.46 18.88 -6.29
N GLY B 264 -26.27 19.42 -6.09
CA GLY B 264 -25.32 19.63 -7.16
C GLY B 264 -24.44 18.39 -7.33
N HIS B 265 -23.56 18.42 -8.32
CA HIS B 265 -22.75 17.26 -8.65
C HIS B 265 -21.82 16.85 -7.50
N MET B 266 -21.23 17.83 -6.85
CA MET B 266 -20.22 17.59 -5.83
C MET B 266 -20.79 16.85 -4.62
N THR B 267 -22.11 16.77 -4.51
CA THR B 267 -22.76 16.14 -3.36
C THR B 267 -23.44 14.83 -3.74
N HIS B 268 -23.23 14.38 -4.97
CA HIS B 268 -23.77 13.11 -5.43
C HIS B 268 -22.62 12.23 -5.93
N ALA B 269 -22.42 11.10 -5.27
CA ALA B 269 -21.26 10.25 -5.51
C ALA B 269 -21.15 9.78 -6.96
N LEU B 270 -22.25 9.84 -7.70
CA LEU B 270 -22.25 9.40 -9.09
C LEU B 270 -21.78 10.50 -10.04
N PHE B 271 -21.74 11.73 -9.55
CA PHE B 271 -21.40 12.87 -10.40
C PHE B 271 -20.32 13.77 -9.78
N ALA B 272 -19.99 13.51 -8.53
CA ALA B 272 -19.08 14.38 -7.77
C ALA B 272 -17.71 14.54 -8.42
N ALA B 273 -17.23 13.50 -9.10
CA ALA B 273 -15.89 13.52 -9.66
C ALA B 273 -15.79 14.45 -10.87
N PHE B 274 -16.94 14.79 -11.45
CA PHE B 274 -16.96 15.61 -12.65
C PHE B 274 -16.65 17.08 -12.36
N ASP B 275 -16.91 17.50 -11.13
CA ASP B 275 -16.51 18.84 -10.70
C ASP B 275 -15.01 18.85 -10.45
N PRO B 276 -14.27 19.67 -11.21
CA PRO B 276 -12.80 19.75 -11.14
C PRO B 276 -12.27 19.96 -9.72
N ILE B 277 -13.05 20.60 -8.87
CA ILE B 277 -12.61 20.87 -7.50
C ILE B 277 -12.55 19.58 -6.68
N PHE B 278 -13.10 18.51 -7.25
CA PHE B 278 -13.08 17.18 -6.64
C PHE B 278 -11.66 16.74 -6.30
N TRP B 279 -10.73 16.97 -7.23
CA TRP B 279 -9.37 16.46 -7.09
C TRP B 279 -8.51 17.28 -6.13
N LEU B 280 -8.80 18.58 -6.03
CA LEU B 280 -8.14 19.41 -5.04
C LEU B 280 -8.55 18.96 -3.64
N HIS B 281 -9.78 18.47 -3.53
CA HIS B 281 -10.31 17.95 -2.28
C HIS B 281 -9.61 16.66 -1.87
N HIS B 282 -9.58 15.70 -2.79
CA HIS B 282 -9.02 14.39 -2.49
C HIS B 282 -7.50 14.40 -2.41
N SER B 283 -6.89 15.42 -2.99
CA SER B 283 -5.46 15.62 -2.82
C SER B 283 -5.18 15.93 -1.36
N ASN B 284 -6.10 16.66 -0.74
CA ASN B 284 -5.97 17.02 0.66
C ASN B 284 -6.41 15.87 1.57
N VAL B 285 -7.37 15.08 1.09
CA VAL B 285 -7.80 13.89 1.82
C VAL B 285 -6.63 12.90 1.88
N ASP B 286 -5.93 12.76 0.76
CA ASP B 286 -4.75 11.90 0.70
C ASP B 286 -3.64 12.47 1.59
N ARG B 287 -3.64 13.79 1.72
CA ARG B 287 -2.69 14.47 2.59
C ARG B 287 -2.99 14.14 4.04
N HIS B 288 -4.28 14.02 4.35
CA HIS B 288 -4.72 13.61 5.68
C HIS B 288 -4.25 12.20 5.97
N LEU B 289 -4.31 11.34 4.96
CA LEU B 289 -3.87 9.95 5.11
C LEU B 289 -2.38 9.88 5.43
N SER B 290 -1.58 10.61 4.66
CA SER B 290 -0.13 10.62 4.86
C SER B 290 0.26 11.23 6.21
N LEU B 291 -0.57 12.14 6.70
CA LEU B 291 -0.32 12.76 7.99
C LEU B 291 -0.64 11.77 9.12
N TRP B 292 -1.78 11.11 8.98
CA TRP B 292 -2.23 10.13 9.97
C TRP B 292 -1.26 8.96 10.08
N GLN B 293 -0.65 8.59 8.96
CA GLN B 293 0.31 7.51 8.94
C GLN B 293 1.50 7.83 9.85
N ALA B 294 1.90 9.10 9.85
CA ALA B 294 3.02 9.54 10.67
C ALA B 294 2.68 9.37 12.15
N LEU B 295 1.43 9.63 12.50
CA LEU B 295 0.98 9.52 13.89
C LEU B 295 0.77 8.07 14.30
N TYR B 296 0.42 7.24 13.32
CA TYR B 296 0.14 5.84 13.59
C TYR B 296 0.86 4.91 12.60
N PRO B 297 2.20 4.95 12.63
CA PRO B 297 3.00 4.06 11.79
C PRO B 297 2.80 2.59 12.16
N GLY B 298 2.60 1.74 11.16
CA GLY B 298 2.37 0.32 11.41
C GLY B 298 0.90 -0.02 11.32
N VAL B 299 0.04 0.96 11.57
CA VAL B 299 -1.40 0.78 11.45
C VAL B 299 -1.82 0.96 9.99
N TRP B 300 -2.40 -0.09 9.41
CA TRP B 300 -2.81 -0.05 8.01
C TRP B 300 -4.15 -0.76 7.81
N VAL B 301 -4.42 -1.18 6.58
CA VAL B 301 -5.70 -1.77 6.23
C VAL B 301 -6.00 -3.06 6.98
N THR B 302 -7.18 -3.13 7.57
CA THR B 302 -7.66 -4.34 8.23
C THR B 302 -8.74 -4.99 7.37
N GLN B 303 -9.09 -6.23 7.69
CA GLN B 303 -10.09 -6.94 6.91
C GLN B 303 -11.49 -6.40 7.20
N GLY B 304 -12.30 -6.29 6.15
CA GLY B 304 -13.65 -5.78 6.27
C GLY B 304 -14.52 -6.17 5.09
N PRO B 305 -15.84 -6.01 5.22
CA PRO B 305 -16.79 -6.38 4.17
C PRO B 305 -17.13 -5.24 3.22
N GLU B 306 -17.43 -5.60 1.98
CA GLU B 306 -17.98 -4.64 1.02
C GLU B 306 -19.47 -4.47 1.29
N ARG B 307 -19.90 -3.24 1.52
CA ARG B 307 -21.28 -2.98 1.94
C ARG B 307 -22.16 -2.43 0.81
N GLU B 308 -22.02 -1.16 0.49
CA GLU B 308 -22.90 -0.52 -0.48
C GLU B 308 -22.71 -1.07 -1.89
N GLY B 309 -21.51 -1.55 -2.19
CA GLY B 309 -21.25 -2.20 -3.46
C GLY B 309 -20.55 -1.33 -4.49
N SER B 310 -19.42 -1.84 -5.01
CA SER B 310 -18.67 -1.16 -6.04
C SER B 310 -18.45 -2.07 -7.25
N MET B 311 -17.98 -1.50 -8.35
CA MET B 311 -17.77 -2.28 -9.57
C MET B 311 -16.70 -3.36 -9.38
N GLY B 312 -15.77 -3.11 -8.47
CA GLY B 312 -14.71 -4.07 -8.19
C GLY B 312 -15.14 -5.14 -7.21
N PHE B 313 -16.04 -4.79 -6.29
CA PHE B 313 -16.49 -5.72 -5.26
C PHE B 313 -18.00 -5.69 -5.07
N ALA B 314 -18.63 -6.85 -5.20
CA ALA B 314 -20.06 -6.98 -4.93
C ALA B 314 -20.31 -7.04 -3.43
N PRO B 315 -21.50 -6.61 -2.99
CA PRO B 315 -21.84 -6.55 -1.57
C PRO B 315 -21.66 -7.88 -0.84
N GLY B 316 -20.92 -7.87 0.25
CA GLY B 316 -20.69 -9.07 1.03
C GLY B 316 -19.32 -9.69 0.80
N THR B 317 -18.51 -9.04 -0.01
CA THR B 317 -17.17 -9.53 -0.31
C THR B 317 -16.18 -9.08 0.75
N GLU B 318 -15.33 -10.00 1.18
CA GLU B 318 -14.31 -9.68 2.17
C GLU B 318 -13.16 -8.89 1.53
N LEU B 319 -12.79 -7.80 2.18
CA LEU B 319 -11.72 -6.93 1.67
C LEU B 319 -10.58 -6.86 2.67
N ASN B 320 -9.36 -6.75 2.15
CA ASN B 320 -8.19 -6.56 3.00
C ASN B 320 -7.06 -5.87 2.25
N LYS B 321 -5.87 -5.88 2.83
CA LYS B 321 -4.71 -5.21 2.26
C LYS B 321 -4.32 -5.79 0.90
N ASP B 322 -4.67 -7.04 0.67
CA ASP B 322 -4.29 -7.73 -0.56
C ASP B 322 -5.34 -7.60 -1.65
N SER B 323 -6.47 -6.98 -1.31
CA SER B 323 -7.54 -6.79 -2.28
C SER B 323 -7.10 -5.92 -3.43
N ALA B 324 -7.35 -6.39 -4.66
CA ALA B 324 -7.00 -5.64 -5.85
C ALA B 324 -7.80 -4.35 -5.92
N LEU B 325 -7.15 -3.26 -6.31
CA LEU B 325 -7.81 -1.96 -6.39
C LEU B 325 -8.11 -1.57 -7.84
N GLU B 326 -9.12 -2.21 -8.42
CA GLU B 326 -9.56 -1.87 -9.77
C GLU B 326 -10.06 -0.43 -9.83
N PRO B 327 -9.89 0.21 -10.99
CA PRO B 327 -9.22 -0.34 -12.17
C PRO B 327 -7.74 0.09 -12.24
N PHE B 328 -7.09 0.16 -11.09
CA PHE B 328 -5.73 0.67 -11.03
C PHE B 328 -4.69 -0.45 -11.00
N TYR B 329 -3.80 -0.45 -11.98
CA TYR B 329 -2.79 -1.48 -12.12
C TYR B 329 -1.37 -0.91 -12.03
N GLU B 330 -0.48 -1.68 -11.40
CA GLU B 330 0.92 -1.30 -11.31
C GLU B 330 1.60 -1.51 -12.65
N THR B 331 1.28 -2.64 -13.28
CA THR B 331 1.71 -2.93 -14.65
C THR B 331 0.47 -3.38 -15.43
N GLU B 332 0.67 -3.87 -16.64
CA GLU B 332 -0.46 -4.31 -17.46
C GLU B 332 -1.09 -5.59 -16.92
N ASP B 333 -0.39 -6.26 -16.01
CA ASP B 333 -0.84 -7.55 -15.49
C ASP B 333 -1.29 -7.51 -14.03
N LYS B 334 -0.53 -6.80 -13.20
CA LYS B 334 -0.82 -6.79 -11.77
C LYS B 334 -1.47 -5.49 -11.31
N PRO B 335 -2.67 -5.60 -10.70
CA PRO B 335 -3.37 -4.46 -10.13
C PRO B 335 -2.76 -4.03 -8.80
N TRP B 336 -3.00 -2.79 -8.41
CA TRP B 336 -2.50 -2.27 -7.13
C TRP B 336 -3.19 -2.95 -5.96
N THR B 337 -2.55 -2.89 -4.80
CA THR B 337 -3.15 -3.33 -3.55
C THR B 337 -2.79 -2.32 -2.46
N SER B 338 -3.52 -2.35 -1.35
CA SER B 338 -3.32 -1.39 -0.29
C SER B 338 -1.92 -1.48 0.32
N VAL B 339 -1.30 -2.65 0.22
CA VAL B 339 -0.02 -2.90 0.89
C VAL B 339 1.06 -1.91 0.51
N PRO B 340 1.43 -1.85 -0.78
CA PRO B 340 2.52 -0.98 -1.21
C PRO B 340 2.13 0.50 -1.18
N LEU B 341 0.86 0.78 -0.94
CA LEU B 341 0.37 2.15 -0.98
C LEU B 341 0.57 2.89 0.34
N THR B 342 1.50 2.40 1.15
CA THR B 342 1.85 3.09 2.39
C THR B 342 2.87 4.17 2.09
N ASP B 343 3.59 4.00 0.98
CA ASP B 343 4.64 4.92 0.59
C ASP B 343 4.24 5.70 -0.66
N THR B 344 4.01 7.00 -0.50
CA THR B 344 3.62 7.85 -1.61
C THR B 344 4.80 8.13 -2.54
N ALA B 345 6.01 7.87 -2.05
CA ALA B 345 7.21 8.05 -2.86
C ALA B 345 7.23 7.04 -4.00
N LEU B 346 6.47 5.96 -3.84
CA LEU B 346 6.35 4.95 -4.88
C LEU B 346 5.48 5.45 -6.03
N LEU B 347 4.72 6.53 -5.77
CA LEU B 347 3.87 7.13 -6.78
C LEU B 347 4.39 8.50 -7.16
N ASN B 348 5.63 8.78 -6.78
CA ASN B 348 6.33 10.00 -7.20
C ASN B 348 5.75 11.28 -6.64
N TYR B 349 5.34 11.27 -5.37
CA TYR B 349 4.87 12.50 -4.75
C TYR B 349 5.00 12.48 -3.23
N SER B 350 4.72 13.62 -2.62
CA SER B 350 4.85 13.79 -1.18
C SER B 350 4.26 15.15 -0.80
N TYR B 351 4.23 15.45 0.48
CA TYR B 351 3.65 16.71 0.93
C TYR B 351 4.66 17.53 1.72
N PRO B 352 4.54 18.87 1.64
CA PRO B 352 5.49 19.81 2.22
C PRO B 352 5.61 19.69 3.73
N ASP B 353 4.62 19.05 4.35
CA ASP B 353 4.61 18.88 5.80
C ASP B 353 5.83 18.12 6.29
N PHE B 354 6.38 17.27 5.42
CA PHE B 354 7.50 16.41 5.79
C PHE B 354 8.84 16.95 5.30
N ASP B 355 8.86 18.22 4.90
CA ASP B 355 10.09 18.82 4.37
C ASP B 355 11.19 18.89 5.41
N LYS B 356 10.84 19.36 6.61
CA LYS B 356 11.82 19.51 7.68
C LYS B 356 12.21 18.19 8.33
N VAL B 357 11.58 17.10 7.88
CA VAL B 357 11.86 15.79 8.47
C VAL B 357 12.01 14.70 7.40
N LYS B 358 12.56 15.06 6.26
CA LYS B 358 12.82 14.09 5.20
C LYS B 358 13.87 13.08 5.65
N GLY B 359 13.62 11.80 5.40
CA GLY B 359 14.55 10.75 5.77
C GLY B 359 14.71 10.62 7.27
N GLY B 360 13.61 10.79 8.00
CA GLY B 360 13.65 10.69 9.45
C GLY B 360 13.12 9.37 9.95
N THR B 361 13.44 9.02 11.19
CA THR B 361 12.97 7.78 11.79
C THR B 361 11.48 7.86 12.09
N PRO B 362 10.80 6.71 12.04
CA PRO B 362 9.37 6.63 12.35
C PRO B 362 9.03 7.09 13.77
N ASP B 363 10.05 7.48 14.53
CA ASP B 363 9.86 7.95 15.89
C ASP B 363 10.00 9.47 15.95
N LEU B 364 10.79 10.01 15.03
CA LEU B 364 10.98 11.45 14.94
C LEU B 364 9.85 12.10 14.16
N VAL B 365 9.49 11.50 13.03
CA VAL B 365 8.48 12.09 12.17
C VAL B 365 7.15 12.22 12.90
N ARG B 366 6.83 11.22 13.70
CA ARG B 366 5.61 11.21 14.49
C ARG B 366 5.58 12.36 15.49
N ASP B 367 6.70 12.60 16.16
CA ASP B 367 6.81 13.71 17.11
C ASP B 367 6.64 15.04 16.39
N TYR B 368 7.25 15.16 15.22
CA TYR B 368 7.18 16.39 14.45
C TYR B 368 5.77 16.64 13.91
N ILE B 369 5.20 15.64 13.26
CA ILE B 369 3.87 15.77 12.67
C ILE B 369 2.82 15.94 13.76
N ASN B 370 3.06 15.35 14.92
CA ASN B 370 2.15 15.48 16.05
C ASN B 370 2.06 16.93 16.52
N ASP B 371 3.21 17.54 16.75
CA ASP B 371 3.27 18.94 17.15
C ASP B 371 2.87 19.85 15.98
N HIS B 372 3.05 19.34 14.77
CA HIS B 372 2.69 20.08 13.57
C HIS B 372 1.19 20.34 13.53
N ILE B 373 0.41 19.31 13.81
CA ILE B 373 -1.04 19.41 13.81
C ILE B 373 -1.56 20.26 14.97
N ASP B 374 -0.83 20.23 16.09
CA ASP B 374 -1.18 21.03 17.25
C ASP B 374 -1.18 22.52 16.92
N ARG B 375 -0.16 22.96 16.19
CA ARG B 375 -0.01 24.37 15.83
C ARG B 375 -0.85 24.73 14.61
N ARG B 376 -1.04 23.77 13.72
CA ARG B 376 -1.75 24.01 12.47
C ARG B 376 -3.26 24.02 12.65
N TYR B 377 -3.80 22.99 13.30
CA TYR B 377 -5.24 22.83 13.41
C TYR B 377 -5.75 22.88 14.85
N GLY B 378 -4.83 22.97 15.81
CA GLY B 378 -5.19 22.89 17.22
C GLY B 378 -5.87 24.12 17.78
N ILE B 379 -6.28 24.04 19.03
CA ILE B 379 -6.88 25.17 19.73
C ILE B 379 -5.82 25.95 20.50
N LYS B 380 -5.74 27.25 20.24
CA LYS B 380 -4.74 28.10 20.87
C LYS B 380 -5.22 28.65 22.21
N LYS B 381 -4.28 28.89 23.12
CA LYS B 381 -4.61 29.49 24.41
C LYS B 381 -5.09 30.93 24.22
N SER B 382 -5.57 31.55 25.28
CA SER B 382 -6.03 32.93 25.22
C SER B 382 -4.90 33.89 25.56
N GLU B 383 -4.97 35.11 25.02
CA GLU B 383 -3.96 36.13 25.25
C GLU B 383 -3.94 36.54 26.72
N GLY B 384 -3.14 35.84 27.51
CA GLY B 384 -3.10 36.08 28.95
C GLY B 384 -4.46 35.87 29.57
N GLY B 385 -5.12 34.77 29.19
CA GLY B 385 -6.44 34.42 29.69
C GLY B 385 -6.56 34.58 31.19
N LYS B 386 -7.59 35.27 31.67
CA LYS B 386 -8.70 35.81 30.88
C LYS B 386 -9.63 34.71 30.35
N ASN B 387 -9.19 33.46 30.46
CA ASN B 387 -10.03 32.30 30.15
C ASN B 387 -9.29 31.01 30.41
N PRO B 388 -9.28 30.56 31.67
CA PRO B 388 -8.60 29.33 32.10
C PRO B 388 -9.19 28.11 31.43
N ALA B 389 -10.51 28.12 31.24
CA ALA B 389 -11.20 27.02 30.56
C ALA B 389 -10.68 26.79 29.14
N GLN B 390 -10.46 27.88 28.42
CA GLN B 390 -9.96 27.80 27.04
C GLN B 390 -8.48 27.41 27.01
N ASP B 391 -7.75 27.82 28.05
CA ASP B 391 -6.36 27.44 28.19
C ASP B 391 -6.22 25.93 28.44
N LEU B 392 -7.12 25.41 29.28
CA LEU B 392 -7.15 23.98 29.58
C LEU B 392 -7.46 23.17 28.33
N LEU B 393 -8.43 23.63 27.55
CA LEU B 393 -8.83 22.97 26.33
C LEU B 393 -7.68 22.90 25.33
N SER B 394 -6.89 23.98 25.28
CA SER B 394 -5.75 24.04 24.37
C SER B 394 -4.70 23.01 24.75
N ASP B 395 -4.67 22.63 26.02
CA ASP B 395 -3.72 21.62 26.49
C ASP B 395 -4.10 20.24 25.99
N PHE B 396 -5.39 20.05 25.69
CA PHE B 396 -5.89 18.76 25.22
C PHE B 396 -6.03 18.72 23.71
N LYS B 397 -6.31 19.87 23.11
CA LYS B 397 -6.53 19.94 21.67
C LYS B 397 -5.61 20.96 20.99
N GLY B 398 -4.42 21.12 21.54
CA GLY B 398 -3.43 22.03 20.98
C GLY B 398 -2.06 21.82 21.59
N VAL B 399 -1.21 22.85 21.51
CA VAL B 399 0.12 22.78 22.12
C VAL B 399 -0.01 22.72 23.64
N THR B 400 0.62 21.72 24.25
CA THR B 400 0.51 21.51 25.70
C THR B 400 1.72 22.02 26.46
N HIS B 401 1.48 22.87 27.45
CA HIS B 401 2.54 23.35 28.33
C HIS B 401 2.82 22.31 29.41
N ASP B 402 4.11 22.09 29.70
CA ASP B 402 4.51 21.13 30.71
C ASP B 402 3.88 21.44 32.07
N HIS B 403 3.26 20.42 32.66
CA HIS B 403 2.49 20.60 33.89
C HIS B 403 2.94 19.67 35.00
N ASN B 404 2.91 20.18 36.23
CA ASN B 404 3.34 19.42 37.40
C ASN B 404 2.34 18.32 37.78
N GLU B 405 1.07 18.70 37.89
CA GLU B 405 0.00 17.74 38.16
C GLU B 405 -0.68 17.33 36.86
N ASP B 406 -1.46 16.25 36.90
CA ASP B 406 -2.14 15.78 35.70
C ASP B 406 -3.44 16.55 35.49
N LEU B 407 -3.68 16.96 34.25
CA LEU B 407 -4.86 17.75 33.93
C LEU B 407 -6.03 16.84 33.59
N LYS B 408 -7.25 17.31 33.87
CA LYS B 408 -8.43 16.51 33.62
C LYS B 408 -9.57 17.36 33.05
N MET B 409 -10.26 16.82 32.06
CA MET B 409 -11.43 17.47 31.49
C MET B 409 -12.25 16.48 30.67
N PHE B 410 -13.54 16.76 30.54
CA PHE B 410 -14.42 15.93 29.71
C PHE B 410 -14.48 16.48 28.29
N ASP B 411 -14.25 15.60 27.31
CA ASP B 411 -14.31 15.99 25.91
C ASP B 411 -15.71 15.79 25.35
N TRP B 412 -16.41 16.88 25.10
CA TRP B 412 -17.81 16.82 24.68
C TRP B 412 -17.97 16.85 23.17
N THR B 413 -18.75 15.92 22.65
CA THR B 413 -19.03 15.85 21.22
C THR B 413 -20.47 15.41 20.98
N ILE B 414 -21.07 15.90 19.90
CA ILE B 414 -22.41 15.48 19.51
C ILE B 414 -22.33 14.19 18.71
N GLN B 415 -22.62 13.08 19.37
CA GLN B 415 -22.58 11.77 18.73
C GLN B 415 -23.88 11.51 17.98
N ALA B 416 -23.77 11.18 16.70
CA ALA B 416 -24.96 10.92 15.89
C ALA B 416 -24.75 9.68 15.01
N SER B 417 -25.66 8.73 15.15
CA SER B 417 -25.61 7.51 14.35
C SER B 417 -26.97 7.25 13.72
N TRP B 418 -26.97 6.57 12.57
CA TRP B 418 -28.20 6.28 11.85
C TRP B 418 -27.95 5.19 10.83
N LYS B 419 -29.01 4.53 10.41
CA LYS B 419 -28.90 3.49 9.40
C LYS B 419 -28.94 4.10 8.01
N LYS B 420 -27.82 4.02 7.30
CA LYS B 420 -27.77 4.49 5.92
C LYS B 420 -28.74 3.70 5.06
N PHE B 421 -29.09 4.25 3.90
CA PHE B 421 -30.01 3.61 2.97
C PHE B 421 -31.45 3.65 3.48
N GLU B 422 -31.67 4.32 4.61
CA GLU B 422 -33.04 4.61 5.03
C GLU B 422 -33.60 5.66 4.09
N LEU B 423 -32.79 6.68 3.82
CA LEU B 423 -33.11 7.71 2.84
C LEU B 423 -32.20 7.57 1.63
N ASP B 424 -32.80 7.37 0.46
CA ASP B 424 -32.03 7.18 -0.77
C ASP B 424 -31.66 8.51 -1.41
N ASP B 425 -31.41 9.52 -0.57
CA ASP B 425 -30.97 10.84 -1.03
C ASP B 425 -30.00 11.46 -0.03
N SER B 426 -29.20 12.41 -0.52
CA SER B 426 -28.24 13.11 0.33
C SER B 426 -28.96 14.10 1.25
N PHE B 427 -28.49 14.20 2.50
CA PHE B 427 -29.06 15.15 3.45
C PHE B 427 -28.00 15.64 4.43
N ALA B 428 -28.38 16.56 5.30
CA ALA B 428 -27.47 17.11 6.29
C ALA B 428 -28.18 17.37 7.61
N ILE B 429 -27.45 17.26 8.71
CA ILE B 429 -28.01 17.53 10.03
C ILE B 429 -27.37 18.77 10.64
N ILE B 430 -28.17 19.80 10.86
CA ILE B 430 -27.67 21.09 11.33
C ILE B 430 -27.83 21.23 12.85
N PHE B 431 -26.76 21.61 13.52
CA PHE B 431 -26.79 21.82 14.97
C PHE B 431 -26.53 23.27 15.33
N TYR B 432 -27.31 23.82 16.24
CA TYR B 432 -27.18 25.22 16.62
C TYR B 432 -27.90 25.54 17.93
N PHE B 433 -27.57 26.69 18.51
CA PHE B 433 -28.26 27.17 19.71
C PHE B 433 -29.44 28.03 19.33
N ALA B 434 -30.63 27.65 19.79
CA ALA B 434 -31.85 28.39 19.47
C ALA B 434 -32.27 29.30 20.61
N ALA B 435 -31.30 29.75 21.40
CA ALA B 435 -31.57 30.64 22.52
C ALA B 435 -31.61 32.09 22.10
N ASP B 436 -31.79 32.32 20.80
CA ASP B 436 -31.85 33.67 20.25
C ASP B 436 -33.04 33.82 19.31
N GLY B 437 -33.00 33.09 18.20
CA GLY B 437 -34.07 33.15 17.22
C GLY B 437 -34.18 31.87 16.40
N SER B 438 -35.29 31.76 15.67
CA SER B 438 -35.54 30.57 14.86
C SER B 438 -34.89 30.71 13.48
N THR B 439 -34.56 31.94 13.10
CA THR B 439 -33.95 32.19 11.80
C THR B 439 -32.81 33.21 11.89
N ASN B 440 -32.38 33.51 13.11
CA ASN B 440 -31.25 34.42 13.30
C ASN B 440 -29.95 33.75 12.84
N VAL B 441 -29.72 32.54 13.35
CA VAL B 441 -28.55 31.74 13.01
C VAL B 441 -27.25 32.55 12.89
N THR B 442 -26.90 33.23 13.97
CA THR B 442 -25.63 33.96 14.03
C THR B 442 -24.45 32.97 14.06
N LYS B 443 -23.27 33.45 13.66
CA LYS B 443 -22.11 32.59 13.54
C LYS B 443 -21.73 31.90 14.84
N GLU B 444 -21.82 32.62 15.97
CA GLU B 444 -21.42 32.04 17.25
C GLU B 444 -22.52 31.13 17.85
N ASN B 445 -23.73 31.24 17.32
CA ASN B 445 -24.81 30.34 17.73
C ASN B 445 -24.82 29.07 16.89
N TYR B 446 -23.99 29.04 15.86
CA TYR B 446 -23.92 27.89 14.96
C TYR B 446 -22.84 26.89 15.40
N ILE B 447 -23.25 25.66 15.67
CA ILE B 447 -22.33 24.63 16.14
C ILE B 447 -21.56 23.99 14.98
N GLY B 448 -22.24 23.14 14.22
CA GLY B 448 -21.65 22.46 13.08
C GLY B 448 -22.69 21.68 12.31
N SER B 449 -22.23 20.72 11.51
CA SER B 449 -23.15 19.91 10.71
C SER B 449 -22.57 18.54 10.39
N ILE B 450 -23.46 17.58 10.15
CA ILE B 450 -23.06 16.26 9.69
C ILE B 450 -23.67 16.02 8.31
N ASN B 451 -22.81 15.89 7.31
CA ASN B 451 -23.25 15.82 5.92
C ASN B 451 -23.19 14.42 5.34
N ILE B 452 -24.23 14.05 4.58
CA ILE B 452 -24.31 12.72 4.01
C ILE B 452 -23.90 12.70 2.53
N PHE B 453 -22.87 11.93 2.21
CA PHE B 453 -22.45 11.77 0.83
C PHE B 453 -22.90 10.42 0.30
N ARG B 454 -23.97 10.42 -0.48
CA ARG B 454 -24.53 9.19 -1.04
C ARG B 454 -24.52 9.19 -2.55
N GLY B 455 -24.68 8.01 -3.14
CA GLY B 455 -24.72 7.87 -4.58
C GLY B 455 -25.70 6.80 -5.03
N THR B 456 -25.17 5.62 -5.37
CA THR B 456 -25.99 4.52 -5.86
C THR B 456 -26.81 3.86 -4.74
N THR B 457 -27.45 2.75 -5.08
CA THR B 457 -28.24 1.96 -4.15
C THR B 457 -28.21 0.49 -4.57
N PRO B 458 -27.96 -0.42 -3.60
CA PRO B 458 -27.88 -1.87 -3.82
C PRO B 458 -29.15 -2.42 -4.47
N THR B 459 -29.06 -3.62 -5.07
CA THR B 459 -30.18 -4.19 -5.80
C THR B 459 -30.77 -5.41 -5.10
N ASN B 460 -29.91 -6.31 -4.65
CA ASN B 460 -30.36 -7.54 -4.00
C ASN B 460 -29.24 -8.29 -3.29
N CYS B 461 -29.63 -9.22 -2.41
CA CYS B 461 -28.68 -9.99 -1.62
C CYS B 461 -29.10 -11.45 -1.52
N ALA B 462 -28.15 -12.32 -1.18
CA ALA B 462 -28.33 -13.77 -1.15
C ALA B 462 -29.61 -14.22 -0.44
N ASN B 463 -29.53 -14.26 0.89
CA ASN B 463 -30.62 -14.63 1.79
C ASN B 463 -29.97 -15.11 3.09
N CYS B 464 -28.72 -15.54 2.95
CA CYS B 464 -27.88 -15.94 4.08
C CYS B 464 -27.36 -14.72 4.82
N ARG B 465 -27.17 -13.63 4.07
CA ARG B 465 -26.69 -12.38 4.67
C ARG B 465 -27.75 -11.84 5.65
N THR B 466 -28.91 -11.37 5.17
CA THR B 466 -29.20 -11.13 3.76
C THR B 466 -29.32 -9.62 3.56
N GLN B 467 -28.16 -8.97 3.46
CA GLN B 467 -28.00 -7.51 3.52
C GLN B 467 -29.13 -6.63 2.92
N ASP B 468 -29.26 -5.43 3.48
CA ASP B 468 -28.38 -4.94 4.54
C ASP B 468 -28.99 -3.77 5.31
N ASN B 469 -28.28 -3.36 6.35
CA ASN B 469 -28.63 -2.15 7.09
C ASN B 469 -27.51 -1.74 8.04
N LEU B 470 -26.39 -1.31 7.47
CA LEU B 470 -25.23 -0.87 8.26
C LEU B 470 -25.46 0.52 8.83
N VAL B 471 -24.81 0.80 9.96
CA VAL B 471 -24.98 2.08 10.65
C VAL B 471 -23.87 3.07 10.33
N GLN B 472 -24.26 4.29 9.97
CA GLN B 472 -23.31 5.36 9.70
C GLN B 472 -23.37 6.39 10.82
N GLU B 473 -22.21 6.98 11.16
CA GLU B 473 -22.14 7.90 12.29
C GLU B 473 -21.39 9.19 11.95
N GLY B 474 -21.62 10.21 12.76
CA GLY B 474 -20.96 11.50 12.59
C GLY B 474 -20.78 12.19 13.93
N PHE B 475 -19.81 13.10 14.00
CA PHE B 475 -19.51 13.79 15.25
C PHE B 475 -19.43 15.30 15.09
N VAL B 476 -19.90 16.01 16.10
CA VAL B 476 -19.77 17.47 16.13
C VAL B 476 -19.31 17.90 17.52
N HIS B 477 -18.24 18.70 17.56
CA HIS B 477 -17.59 19.06 18.81
C HIS B 477 -18.19 20.29 19.47
N LEU B 478 -18.06 20.37 20.80
CA LEU B 478 -18.69 21.44 21.57
C LEU B 478 -17.69 22.15 22.48
N ASP B 479 -16.46 21.66 22.50
CA ASP B 479 -15.43 22.12 23.43
C ASP B 479 -15.27 23.64 23.46
N ARG B 480 -14.98 24.23 22.31
CA ARG B 480 -14.72 25.66 22.23
C ARG B 480 -15.95 26.50 22.54
N PHE B 481 -17.14 25.90 22.44
CA PHE B 481 -18.37 26.58 22.80
C PHE B 481 -18.53 26.63 24.32
N ILE B 482 -18.31 25.49 24.95
CA ILE B 482 -18.39 25.40 26.41
C ILE B 482 -17.30 26.23 27.06
N ALA B 483 -16.12 26.23 26.46
CA ALA B 483 -14.98 26.99 27.00
C ALA B 483 -15.23 28.49 26.90
N ARG B 484 -16.12 28.88 25.98
CA ARG B 484 -16.41 30.29 25.76
C ARG B 484 -17.45 30.82 26.74
N ASP B 485 -18.49 30.05 26.99
CA ASP B 485 -19.62 30.51 27.81
C ASP B 485 -19.57 29.94 29.22
N LEU B 486 -19.00 28.75 29.37
CA LEU B 486 -18.94 28.10 30.68
C LEU B 486 -17.63 28.39 31.41
N ASP B 487 -17.42 27.70 32.52
CA ASP B 487 -16.24 27.90 33.35
C ASP B 487 -15.56 26.55 33.61
N THR B 488 -16.35 25.49 33.50
CA THR B 488 -15.86 24.14 33.70
C THR B 488 -16.43 23.19 32.66
N PHE B 489 -15.86 21.99 32.56
CA PHE B 489 -16.32 21.01 31.58
C PHE B 489 -17.07 19.85 32.26
N ASP B 490 -17.67 20.12 33.41
CA ASP B 490 -18.39 19.09 34.16
C ASP B 490 -19.78 18.82 33.59
N PRO B 491 -20.19 17.54 33.60
CA PRO B 491 -21.45 17.03 33.02
C PRO B 491 -22.70 17.79 33.46
N GLN B 492 -22.85 18.04 34.75
CA GLN B 492 -24.03 18.76 35.23
C GLN B 492 -24.06 20.19 34.69
N ALA B 493 -22.88 20.80 34.60
CA ALA B 493 -22.76 22.17 34.10
C ALA B 493 -23.13 22.26 32.62
N VAL B 494 -22.57 21.35 31.83
CA VAL B 494 -22.80 21.35 30.39
C VAL B 494 -24.21 20.86 30.05
N HIS B 495 -24.73 19.94 30.86
CA HIS B 495 -26.08 19.42 30.65
C HIS B 495 -27.11 20.55 30.83
N ARG B 496 -26.82 21.44 31.78
CA ARG B 496 -27.71 22.57 32.04
C ARG B 496 -27.45 23.69 31.05
N TYR B 497 -26.19 23.87 30.69
CA TYR B 497 -25.80 24.90 29.72
C TYR B 497 -26.40 24.63 28.35
N LEU B 498 -26.39 23.37 27.94
CA LEU B 498 -26.96 22.97 26.66
C LEU B 498 -28.48 23.12 26.64
N LYS B 499 -29.07 23.21 27.83
CA LYS B 499 -30.51 23.41 27.96
C LYS B 499 -30.86 24.90 27.98
N GLU B 500 -30.06 25.69 28.68
CA GLU B 500 -30.30 27.12 28.79
C GLU B 500 -30.14 27.84 27.45
N LYS B 501 -29.22 27.35 26.62
CA LYS B 501 -29.03 27.91 25.29
C LYS B 501 -29.83 27.13 24.25
N LYS B 502 -30.58 26.13 24.72
CA LYS B 502 -31.45 25.35 23.86
C LYS B 502 -30.74 24.76 22.65
N LEU B 503 -29.87 23.79 22.90
CA LEU B 503 -29.20 23.07 21.82
C LEU B 503 -30.22 22.29 20.99
N SER B 504 -30.42 22.72 19.75
CA SER B 504 -31.38 22.06 18.87
C SER B 504 -30.73 21.72 17.53
N TYR B 505 -31.24 20.67 16.89
CA TYR B 505 -30.73 20.27 15.59
C TYR B 505 -31.84 20.28 14.54
N LYS B 506 -31.49 19.91 13.31
CA LYS B 506 -32.37 20.13 12.18
C LYS B 506 -31.96 19.27 10.98
N VAL B 507 -32.77 18.27 10.67
CA VAL B 507 -32.48 17.37 9.55
C VAL B 507 -33.12 17.89 8.27
N VAL B 508 -32.30 18.38 7.36
CA VAL B 508 -32.79 19.03 6.15
C VAL B 508 -32.26 18.42 4.86
N ALA B 509 -33.16 18.24 3.89
CA ALA B 509 -32.80 17.80 2.55
C ALA B 509 -33.47 18.72 1.53
N ASP B 510 -32.72 19.16 0.53
CA ASP B 510 -33.18 20.18 -0.40
C ASP B 510 -33.48 21.48 0.35
N ASP B 511 -34.70 21.97 0.22
CA ASP B 511 -35.11 23.21 0.90
C ASP B 511 -36.11 22.92 2.01
N HIS B 512 -36.43 21.64 2.20
CA HIS B 512 -37.41 21.24 3.21
C HIS B 512 -36.77 20.38 4.29
N SER B 513 -37.58 20.01 5.28
CA SER B 513 -37.12 19.17 6.37
C SER B 513 -37.52 17.71 6.13
N VAL B 514 -36.59 16.80 6.38
CA VAL B 514 -36.86 15.37 6.21
C VAL B 514 -36.67 14.64 7.54
N THR B 515 -37.40 13.55 7.72
CA THR B 515 -37.34 12.81 8.97
C THR B 515 -37.02 11.33 8.72
N LEU B 516 -36.06 10.80 9.48
CA LEU B 516 -35.72 9.39 9.39
C LEU B 516 -35.60 8.79 10.80
N LYS B 517 -36.17 7.60 10.98
CA LYS B 517 -36.38 7.04 12.31
C LYS B 517 -35.11 6.47 12.97
N SER B 518 -34.23 5.88 12.17
CA SER B 518 -33.04 5.22 12.73
C SER B 518 -32.03 6.24 13.28
N LEU B 519 -32.32 7.53 13.07
CA LEU B 519 -31.42 8.58 13.54
C LEU B 519 -31.36 8.61 15.06
N ARG B 520 -30.16 8.36 15.59
CA ARG B 520 -29.96 8.33 17.04
C ARG B 520 -28.89 9.34 17.45
N ILE B 521 -29.32 10.51 17.88
CA ILE B 521 -28.39 11.57 18.28
C ILE B 521 -28.28 11.65 19.79
N ARG B 522 -27.16 12.19 20.27
CA ARG B 522 -26.91 12.32 21.70
C ARG B 522 -25.64 13.11 21.95
N VAL B 523 -25.54 13.70 23.14
CA VAL B 523 -24.33 14.41 23.54
C VAL B 523 -23.45 13.51 24.41
N GLN B 524 -22.31 13.10 23.86
CA GLN B 524 -21.43 12.18 24.57
C GLN B 524 -20.19 12.88 25.13
N GLY B 525 -20.02 12.80 26.44
CA GLY B 525 -18.85 13.34 27.11
C GLY B 525 -17.83 12.27 27.44
N ARG B 526 -16.56 12.62 27.38
CA ARG B 526 -15.48 11.65 27.58
C ARG B 526 -14.42 12.13 28.58
N PRO B 527 -14.14 11.30 29.60
CA PRO B 527 -13.13 11.60 30.61
C PRO B 527 -11.71 11.50 30.05
N LEU B 528 -11.07 12.65 29.84
CA LEU B 528 -9.70 12.67 29.36
C LEU B 528 -8.78 13.26 30.42
N HIS B 529 -7.55 12.74 30.49
CA HIS B 529 -6.59 13.23 31.47
C HIS B 529 -5.19 13.30 30.88
N LEU B 530 -4.38 14.21 31.42
CA LEU B 530 -3.02 14.41 30.96
C LEU B 530 -2.02 14.27 32.10
N PRO B 531 -1.46 13.07 32.26
CA PRO B 531 -0.41 12.82 33.26
C PRO B 531 0.74 13.81 33.15
N PRO B 532 1.40 14.11 34.28
CA PRO B 532 2.44 15.14 34.43
C PRO B 532 3.46 15.19 33.31
N GLY B 533 3.69 14.07 32.62
CA GLY B 533 4.72 14.01 31.60
C GLY B 533 4.21 13.99 30.18
N VAL B 534 3.05 13.37 29.97
CA VAL B 534 2.53 13.18 28.62
C VAL B 534 1.85 14.43 28.06
N SER B 535 1.84 14.54 26.73
CA SER B 535 1.20 15.66 26.06
C SER B 535 0.00 15.18 25.24
N PHE B 536 -0.02 13.89 24.93
CA PHE B 536 -1.13 13.30 24.19
C PHE B 536 -2.19 12.80 25.17
N PRO B 537 -3.41 13.35 25.08
CA PRO B 537 -4.49 13.05 26.01
C PRO B 537 -4.87 11.56 26.04
N ARG B 538 -5.01 11.01 27.25
CA ARG B 538 -5.43 9.63 27.42
C ARG B 538 -6.89 9.56 27.84
N LEU B 539 -7.44 8.35 27.84
CA LEU B 539 -8.82 8.12 28.26
C LEU B 539 -8.85 7.50 29.66
N ASP B 540 -9.41 8.23 30.61
CA ASP B 540 -9.53 7.73 31.98
C ASP B 540 -10.53 6.58 32.03
N LYS B 541 -10.03 5.36 31.91
CA LYS B 541 -10.88 4.17 31.82
C LYS B 541 -11.65 3.90 33.11
N ASN B 542 -11.33 4.64 34.16
CA ASN B 542 -12.02 4.49 35.44
C ASN B 542 -13.41 5.12 35.41
N ILE B 543 -13.48 6.35 34.94
CA ILE B 543 -14.74 7.08 34.89
C ILE B 543 -15.57 6.67 33.69
N PRO B 544 -16.85 6.34 33.93
CA PRO B 544 -17.77 5.87 32.87
C PRO B 544 -18.12 6.98 31.87
N ILE B 545 -18.32 6.60 30.61
CA ILE B 545 -18.67 7.56 29.57
C ILE B 545 -20.01 8.21 29.87
N VAL B 546 -20.14 9.49 29.53
CA VAL B 546 -21.37 10.23 29.75
C VAL B 546 -22.15 10.41 28.46
N ASN B 547 -23.44 10.12 28.49
CA ASN B 547 -24.30 10.28 27.32
C ASN B 547 -25.61 10.96 27.65
N PHE B 548 -25.89 12.06 26.97
CA PHE B 548 -27.15 12.80 27.15
C PHE B 548 -28.02 12.69 25.91
N ASP B 549 -29.27 12.30 26.11
CA ASP B 549 -30.23 12.21 25.01
C ASP B 549 -31.49 13.01 25.33
N ASP B 550 -31.34 14.00 26.20
CA ASP B 550 -32.46 14.82 26.63
C ASP B 550 -32.17 16.31 26.42
N VAL B 551 -31.21 16.60 25.55
CA VAL B 551 -30.74 17.96 25.33
C VAL B 551 -31.07 18.48 23.94
N LEU B 552 -31.06 17.59 22.95
CA LEU B 552 -31.33 17.98 21.58
C LEU B 552 -32.81 18.27 21.33
N ASP B 553 -33.08 19.32 20.57
CA ASP B 553 -34.45 19.68 20.22
C ASP B 553 -34.69 19.57 18.71
N LEU B 554 -35.55 18.64 18.33
CA LEU B 554 -35.89 18.44 16.93
C LEU B 554 -36.69 19.62 16.39
N VAL B 555 -36.18 20.25 15.33
CA VAL B 555 -36.85 21.39 14.74
C VAL B 555 -37.32 21.08 13.32
N THR B 556 -38.63 21.16 13.12
CA THR B 556 -39.21 20.92 11.80
C THR B 556 -39.69 22.22 11.17
N GLY B 557 -38.82 22.86 10.41
CA GLY B 557 -39.14 24.13 9.77
C GLY B 557 -38.09 25.19 10.04
#